data_2VCC
#
_entry.id   2VCC
#
_cell.length_a   90.710
_cell.length_b   90.710
_cell.length_c   252.660
_cell.angle_alpha   90.00
_cell.angle_beta   90.00
_cell.angle_gamma   120.00
#
_symmetry.space_group_name_H-M   'P 61'
#
loop_
_entity.id
_entity.type
_entity.pdbx_description
1 polymer ALPHA-N-ACETYLGLUCOSAMINIDASE
2 non-polymer GLYCEROL
3 non-polymer 'SULFATE ION'
4 non-polymer 'CALCIUM ION'
5 water water
#
_entity_poly.entity_id   1
_entity_poly.type   'polypeptide(L)'
_entity_poly.pdbx_seq_one_letter_code
;GVEITEGVTVTAKGNTEGNTADLAIDGDLSTYWESSNDYKWIEVDLGGIYELSKIEIFNKDEAVYKYNIYASEDGENFNK
IAYKNNDNVSDSNGNMHTIDNVRAGKIRIDVVQNSNSDRVNIAEINVFGKNTGESLPEVKKIATSNFSETPWATEYEKFN
SDSAYANEKTLNEIKNLVGRVIGREFKDKFIFEIRDQLNGNDVFEVSDSGDGKVLIKGNNGVSLASGFNYYLKNYCNVSY
NPIMGSNLKMPETMPSVGERVVIDTPYEHRYALNFCTYSYTMSFWDWDQYEEFLDWCAMNGVNLVLDIIGQEEVLRRTLN
EFGYSDEEVKEFISGPAYFAWFYMQNMTGFGGPLPNDWFEQRAELGRKMHDRMQSFGINPVLQGYSGMVPRDFKEKNQEA
QTISQGGWCGFDRPDMLKTYVNEGEADYFQKVADVFYEKQKEVFGDVTNFYGVDPFHEGGNTGDLDNGKIYEIIQNKMIE
HDNDAVWVIQNWQGNPSNNKLEGLTKKDQAMVLDLFSEVSPDWNRLEERDLPWIWNMLHNFGGRMGMDAAPEKLATEIPK
ALANSEHMVGIGITPEAINTNPLAYELLFDMAWTRDQINFRTWTEDYIERRYGKTNKEILEAWNIILDTAYKKRNDYYQG
AAESIINARPGFGIKSASTWGHSKIVYDKSEFEKAIEIFAKNYDEFKDSDAFLYDFADILKQLLANSAQEYYEVMCNAYN
NGNGEKFKFVSGKFLELIKLQERVLSTRPEFLIGNWIEDARTMLKDSDDWTKDLFEFNARALVTTWGSRNNADGGGLKDY
SNRQWSGLTEDYYYARWEKWINGLQAELDGGAKAPNIDWFKMEYDWVNKKSDTDKLYPTEASNENLGELAKIAMESYSVT
NMDKILGENES
;
_entity_poly.pdbx_strand_id   A
#
# COMPACT_ATOMS: atom_id res chain seq x y z
N GLY A 1 -6.10 40.52 -22.85
CA GLY A 1 -6.38 40.36 -24.31
C GLY A 1 -5.10 40.09 -25.08
N VAL A 2 -5.22 39.61 -26.32
CA VAL A 2 -6.49 39.40 -27.01
C VAL A 2 -7.01 37.96 -26.89
N GLU A 3 -8.31 37.79 -27.02
CA GLU A 3 -8.96 36.47 -26.97
C GLU A 3 -8.53 35.58 -28.13
N ILE A 4 -8.23 34.32 -27.83
CA ILE A 4 -7.80 33.36 -28.84
C ILE A 4 -9.04 32.67 -29.39
N THR A 5 -9.51 33.16 -30.53
CA THR A 5 -10.82 32.79 -31.07
C THR A 5 -10.74 31.81 -32.23
N GLU A 6 -9.55 31.47 -32.68
CA GLU A 6 -9.35 30.64 -33.85
C GLU A 6 -8.29 29.58 -33.59
N GLY A 7 -8.51 28.41 -34.13
CA GLY A 7 -7.55 27.31 -34.08
C GLY A 7 -7.58 26.46 -32.83
N VAL A 8 -8.53 26.73 -31.93
CA VAL A 8 -8.59 26.05 -30.64
C VAL A 8 -9.46 24.79 -30.68
N THR A 9 -8.90 23.70 -30.16
CA THR A 9 -9.60 22.41 -30.08
C THR A 9 -9.56 21.89 -28.63
N VAL A 10 -10.32 20.85 -28.35
CA VAL A 10 -10.38 20.30 -27.00
C VAL A 10 -10.59 18.78 -27.01
N THR A 11 -10.05 18.10 -25.99
CA THR A 11 -10.32 16.68 -25.75
C THR A 11 -10.77 16.44 -24.31
N ALA A 12 -11.49 15.35 -24.09
CA ALA A 12 -11.74 14.83 -22.75
C ALA A 12 -11.67 13.30 -22.79
N LYS A 13 -11.70 12.67 -21.62
CA LYS A 13 -11.60 11.20 -21.54
C LYS A 13 -12.92 10.58 -21.08
N GLY A 14 -13.94 11.43 -20.97
CA GLY A 14 -15.28 10.98 -20.64
C GLY A 14 -16.25 12.15 -20.76
N ASN A 15 -17.52 11.85 -21.01
CA ASN A 15 -18.60 12.84 -21.06
C ASN A 15 -19.98 12.20 -20.98
N THR A 16 -20.94 12.89 -20.37
CA THR A 16 -22.32 12.39 -20.37
C THR A 16 -22.94 12.54 -21.77
N GLU A 17 -24.05 11.90 -22.02
CA GLU A 17 -24.55 11.79 -23.37
C GLU A 17 -25.02 13.14 -23.88
N GLY A 18 -24.39 13.58 -24.95
CA GLY A 18 -24.67 14.86 -25.60
C GLY A 18 -23.85 16.03 -25.10
N ASN A 19 -23.22 15.86 -23.92
CA ASN A 19 -22.42 16.93 -23.30
C ASN A 19 -20.95 16.68 -23.54
N THR A 20 -20.55 16.83 -24.80
N THR A 20 -20.56 16.81 -24.81
CA THR A 20 -19.22 16.50 -25.27
CA THR A 20 -19.21 16.45 -25.25
C THR A 20 -18.19 17.61 -25.02
C THR A 20 -18.20 17.61 -25.12
N ALA A 21 -16.91 17.27 -25.13
CA ALA A 21 -15.80 18.20 -24.87
C ALA A 21 -15.82 19.50 -25.69
N ASP A 22 -16.09 19.38 -26.98
CA ASP A 22 -16.18 20.53 -27.90
C ASP A 22 -17.20 21.57 -27.45
N LEU A 23 -18.18 21.16 -26.64
CA LEU A 23 -19.19 22.09 -26.12
C LEU A 23 -18.65 23.05 -25.06
N ALA A 24 -17.45 22.77 -24.56
CA ALA A 24 -16.77 23.69 -23.64
C ALA A 24 -16.17 24.89 -24.36
N ILE A 25 -16.02 24.79 -25.68
CA ILE A 25 -15.36 25.83 -26.48
C ILE A 25 -16.14 26.28 -27.72
N ASP A 26 -17.47 26.31 -27.62
CA ASP A 26 -18.31 26.58 -28.81
C ASP A 26 -18.94 27.98 -28.85
N GLY A 27 -18.54 28.84 -27.92
CA GLY A 27 -19.02 30.22 -27.85
C GLY A 27 -20.41 30.38 -27.28
N ASP A 28 -20.99 29.25 -26.85
CA ASP A 28 -22.39 29.17 -26.43
C ASP A 28 -22.43 28.78 -24.95
N LEU A 29 -23.06 29.61 -24.14
CA LEU A 29 -23.11 29.41 -22.70
C LEU A 29 -24.13 28.36 -22.29
N SER A 30 -25.04 28.04 -23.22
CA SER A 30 -26.15 27.14 -22.96
C SER A 30 -25.78 25.68 -23.20
N THR A 31 -24.63 25.46 -23.86
CA THR A 31 -24.12 24.11 -24.08
C THR A 31 -22.86 23.89 -23.24
N TYR A 32 -22.66 22.69 -22.74
CA TYR A 32 -21.53 22.40 -21.84
C TYR A 32 -20.96 20.99 -22.00
N TRP A 33 -19.66 20.84 -21.76
CA TRP A 33 -19.06 19.54 -21.47
C TRP A 33 -19.45 19.14 -20.06
N GLU A 34 -19.72 17.85 -19.85
CA GLU A 34 -19.99 17.31 -18.53
C GLU A 34 -19.30 15.96 -18.35
N SER A 35 -18.67 15.77 -17.19
CA SER A 35 -17.94 14.54 -16.89
C SER A 35 -18.90 13.37 -16.66
N SER A 36 -18.47 12.17 -17.04
CA SER A 36 -19.26 10.96 -16.82
C SER A 36 -18.55 9.99 -15.88
N ASN A 37 -17.23 10.17 -15.73
CA ASN A 37 -16.43 9.29 -14.88
C ASN A 37 -15.46 10.07 -13.97
N ASP A 38 -14.32 9.47 -13.62
CA ASP A 38 -13.37 10.14 -12.71
C ASP A 38 -12.33 11.02 -13.41
N TYR A 39 -12.32 11.02 -14.74
CA TYR A 39 -11.58 12.01 -15.51
C TYR A 39 -12.40 13.32 -15.60
N LYS A 40 -12.13 14.23 -14.67
CA LYS A 40 -12.87 15.48 -14.57
C LYS A 40 -12.11 16.64 -15.19
N TRP A 41 -11.24 16.31 -16.15
CA TRP A 41 -10.46 17.33 -16.81
C TRP A 41 -10.61 17.32 -18.33
N ILE A 42 -10.45 18.50 -18.91
CA ILE A 42 -10.39 18.66 -20.36
C ILE A 42 -9.02 19.22 -20.75
N GLU A 43 -8.60 18.98 -21.98
CA GLU A 43 -7.34 19.51 -22.46
C GLU A 43 -7.55 20.33 -23.74
N VAL A 44 -7.22 21.62 -23.65
CA VAL A 44 -7.39 22.57 -24.74
C VAL A 44 -6.06 22.81 -25.46
N ASP A 45 -6.05 22.59 -26.78
CA ASP A 45 -4.90 22.97 -27.62
C ASP A 45 -5.24 24.29 -28.28
N LEU A 46 -4.34 25.26 -28.18
CA LEU A 46 -4.64 26.62 -28.62
C LEU A 46 -4.28 26.87 -30.10
N GLY A 47 -3.79 25.85 -30.79
CA GLY A 47 -3.33 26.02 -32.17
C GLY A 47 -2.07 26.87 -32.25
N GLY A 48 -1.16 26.69 -31.29
CA GLY A 48 0.07 27.46 -31.20
C GLY A 48 0.39 27.88 -29.78
N ILE A 49 1.61 28.36 -29.57
CA ILE A 49 2.06 28.83 -28.27
C ILE A 49 1.74 30.32 -28.10
N TYR A 50 1.05 30.64 -27.01
CA TYR A 50 0.67 32.01 -26.68
C TYR A 50 1.20 32.34 -25.28
N GLU A 51 1.56 33.60 -25.05
CA GLU A 51 1.78 34.08 -23.69
C GLU A 51 0.44 34.43 -23.08
N LEU A 52 -0.04 33.61 -22.15
CA LEU A 52 -1.39 33.80 -21.62
C LEU A 52 -1.43 34.86 -20.54
N SER A 53 -2.50 35.66 -20.55
CA SER A 53 -2.67 36.72 -19.55
C SER A 53 -3.97 36.54 -18.77
N LYS A 54 -4.96 35.89 -19.39
CA LYS A 54 -6.26 35.67 -18.77
C LYS A 54 -6.86 34.35 -19.23
N ILE A 55 -7.54 33.68 -18.30
CA ILE A 55 -8.39 32.52 -18.61
C ILE A 55 -9.75 32.74 -17.93
N GLU A 56 -10.83 32.55 -18.68
CA GLU A 56 -12.19 32.80 -18.19
C GLU A 56 -13.03 31.52 -18.25
N ILE A 57 -13.71 31.20 -17.16
CA ILE A 57 -14.44 29.93 -17.03
C ILE A 57 -15.90 30.13 -16.64
N PHE A 58 -16.79 29.53 -17.43
CA PHE A 58 -18.22 29.51 -17.16
C PHE A 58 -18.65 28.09 -16.88
N ASN A 59 -19.49 27.94 -15.86
CA ASN A 59 -20.12 26.68 -15.53
C ASN A 59 -21.59 26.75 -15.97
N LYS A 60 -22.30 25.62 -15.87
CA LYS A 60 -23.66 25.52 -16.39
C LYS A 60 -24.71 26.06 -15.44
N ASP A 61 -24.34 26.22 -14.16
CA ASP A 61 -25.26 26.68 -13.13
C ASP A 61 -24.57 27.55 -12.10
N GLU A 62 -25.23 27.75 -10.96
CA GLU A 62 -24.74 28.61 -9.90
C GLU A 62 -24.23 27.83 -8.68
N ALA A 63 -23.77 26.61 -8.91
CA ALA A 63 -23.13 25.82 -7.85
C ALA A 63 -21.72 26.35 -7.56
N VAL A 64 -21.11 25.83 -6.48
CA VAL A 64 -19.74 26.20 -6.12
C VAL A 64 -18.75 25.21 -6.74
N TYR A 65 -17.90 25.73 -7.62
CA TYR A 65 -16.92 24.90 -8.32
C TYR A 65 -15.51 25.19 -7.85
N LYS A 66 -14.67 24.16 -7.88
CA LYS A 66 -13.26 24.28 -7.54
C LYS A 66 -12.47 23.51 -8.58
N TYR A 67 -11.40 24.14 -9.07
CA TYR A 67 -10.65 23.59 -10.20
C TYR A 67 -9.21 24.06 -10.21
N ASN A 68 -8.36 23.32 -10.90
CA ASN A 68 -6.97 23.68 -11.08
C ASN A 68 -6.63 23.76 -12.56
N ILE A 69 -5.81 24.74 -12.92
CA ILE A 69 -5.49 25.01 -14.31
C ILE A 69 -3.99 24.83 -14.53
N TYR A 70 -3.65 24.04 -15.54
CA TYR A 70 -2.28 23.70 -15.89
C TYR A 70 -2.01 24.07 -17.34
N ALA A 71 -0.75 24.35 -17.66
CA ALA A 71 -0.34 24.77 -19.00
C ALA A 71 0.95 24.10 -19.41
N SER A 72 1.18 23.99 -20.71
CA SER A 72 2.40 23.37 -21.25
C SER A 72 2.92 24.09 -22.49
N GLU A 73 4.21 24.39 -22.49
CA GLU A 73 4.87 24.98 -23.67
C GLU A 73 5.73 23.96 -24.43
N ASP A 74 5.92 22.76 -23.86
CA ASP A 74 6.68 21.70 -24.51
C ASP A 74 5.86 20.45 -24.90
N GLY A 75 4.60 20.38 -24.45
CA GLY A 75 3.72 19.26 -24.77
C GLY A 75 3.91 18.04 -23.90
N GLU A 76 4.86 18.11 -22.96
CA GLU A 76 5.15 17.03 -22.04
C GLU A 76 4.82 17.41 -20.61
N ASN A 77 5.33 18.56 -20.19
CA ASN A 77 5.16 19.03 -18.82
C ASN A 77 4.02 20.02 -18.69
N PHE A 78 3.05 19.66 -17.84
CA PHE A 78 1.92 20.51 -17.54
C PHE A 78 2.06 21.05 -16.12
N ASN A 79 2.22 22.35 -16.02
CA ASN A 79 2.46 23.00 -14.74
C ASN A 79 1.32 23.92 -14.35
N LYS A 80 1.01 23.96 -13.05
CA LYS A 80 -0.15 24.69 -12.55
C LYS A 80 0.05 26.20 -12.63
N ILE A 81 -0.93 26.89 -13.21
CA ILE A 81 -0.82 28.33 -13.50
C ILE A 81 -1.91 29.18 -12.83
N ALA A 82 -2.99 28.52 -12.43
CA ALA A 82 -4.14 29.17 -11.80
C ALA A 82 -5.01 28.12 -11.15
N TYR A 83 -5.90 28.54 -10.25
CA TYR A 83 -6.82 27.63 -9.58
C TYR A 83 -7.91 28.40 -8.86
N LYS A 84 -9.07 27.78 -8.71
CA LYS A 84 -10.12 28.30 -7.84
C LYS A 84 -10.32 27.33 -6.70
N ASN A 85 -10.09 27.79 -5.48
CA ASN A 85 -10.39 27.00 -4.29
C ASN A 85 -11.29 27.72 -3.27
N ASN A 86 -11.71 28.94 -3.59
CA ASN A 86 -12.66 29.67 -2.75
C ASN A 86 -14.09 29.12 -2.91
N ASP A 87 -14.95 29.47 -1.96
CA ASP A 87 -16.29 28.91 -1.89
C ASP A 87 -17.35 29.74 -2.60
N ASN A 88 -16.91 30.60 -3.52
CA ASN A 88 -17.83 31.46 -4.27
C ASN A 88 -18.61 30.69 -5.32
N VAL A 89 -19.91 31.00 -5.39
CA VAL A 89 -20.79 30.38 -6.38
C VAL A 89 -20.43 30.88 -7.77
N SER A 90 -20.58 30.00 -8.76
CA SER A 90 -20.51 30.41 -10.15
C SER A 90 -21.76 31.25 -10.49
N ASP A 91 -21.63 32.13 -11.47
CA ASP A 91 -22.75 32.94 -11.94
C ASP A 91 -22.57 33.32 -13.41
N SER A 92 -23.48 34.13 -13.93
CA SER A 92 -23.51 34.47 -15.37
C SER A 92 -22.31 35.31 -15.84
N ASN A 93 -21.54 35.88 -14.91
CA ASN A 93 -20.37 36.68 -15.25
C ASN A 93 -19.10 35.87 -15.44
N GLY A 94 -19.11 34.62 -15.01
CA GLY A 94 -17.94 33.76 -15.14
C GLY A 94 -16.85 34.06 -14.13
N ASN A 95 -15.79 33.27 -14.18
CA ASN A 95 -14.65 33.46 -13.29
C ASN A 95 -13.45 33.87 -14.13
N MET A 96 -12.86 35.00 -13.79
CA MET A 96 -11.71 35.51 -14.53
C MET A 96 -10.41 35.33 -13.76
N HIS A 97 -9.46 34.64 -14.38
CA HIS A 97 -8.18 34.31 -13.76
C HIS A 97 -7.03 34.97 -14.49
N THR A 98 -6.19 35.68 -13.72
CA THR A 98 -5.01 36.34 -14.26
C THR A 98 -3.83 35.38 -14.30
N ILE A 99 -3.17 35.31 -15.45
CA ILE A 99 -2.02 34.44 -15.65
C ILE A 99 -0.81 35.34 -15.80
N ASP A 100 0.31 34.94 -15.26
CA ASP A 100 1.45 35.80 -15.28
C ASP A 100 2.21 35.64 -16.56
N ASN A 101 1.59 36.06 -17.63
CA ASN A 101 2.14 35.95 -18.99
C ASN A 101 2.96 34.68 -19.23
N VAL A 102 2.32 33.54 -18.99
CA VAL A 102 2.94 32.22 -19.12
C VAL A 102 2.78 31.71 -20.56
N ARG A 103 3.86 31.15 -21.10
CA ARG A 103 3.84 30.51 -22.42
C ARG A 103 3.10 29.17 -22.37
N ALA A 104 2.17 28.97 -23.32
CA ALA A 104 1.35 27.76 -23.36
C ALA A 104 0.81 27.45 -24.74
N GLY A 105 1.01 26.21 -25.18
CA GLY A 105 0.38 25.69 -26.39
C GLY A 105 -0.80 24.81 -26.06
N LYS A 106 -0.82 24.31 -24.81
CA LYS A 106 -1.93 23.51 -24.28
C LYS A 106 -2.30 23.96 -22.88
N ILE A 107 -3.53 23.66 -22.48
CA ILE A 107 -4.05 23.96 -21.14
C ILE A 107 -4.82 22.73 -20.65
N ARG A 108 -4.71 22.41 -19.37
CA ARG A 108 -5.58 21.40 -18.73
C ARG A 108 -6.38 22.06 -17.62
N ILE A 109 -7.68 21.79 -17.60
CA ILE A 109 -8.55 22.31 -16.55
C ILE A 109 -9.20 21.13 -15.86
N ASP A 110 -8.88 20.96 -14.58
CA ASP A 110 -9.35 19.84 -13.80
C ASP A 110 -10.29 20.36 -12.74
N VAL A 111 -11.58 20.04 -12.88
CA VAL A 111 -12.60 20.54 -11.96
C VAL A 111 -12.83 19.48 -10.90
N VAL A 112 -12.31 19.74 -9.71
CA VAL A 112 -12.23 18.73 -8.65
C VAL A 112 -13.45 18.74 -7.72
N GLN A 113 -14.25 19.81 -7.79
CA GLN A 113 -15.45 19.93 -6.98
C GLN A 113 -16.61 20.60 -7.69
N ASN A 114 -17.80 20.08 -7.42
CA ASN A 114 -19.07 20.72 -7.75
C ASN A 114 -20.00 20.47 -6.56
N SER A 115 -20.40 21.55 -5.88
CA SER A 115 -21.22 21.45 -4.66
C SER A 115 -22.58 20.80 -4.89
N ASN A 116 -23.01 20.76 -6.15
CA ASN A 116 -24.35 20.34 -6.53
C ASN A 116 -24.42 18.91 -7.08
N SER A 117 -23.29 18.38 -7.54
CA SER A 117 -23.26 17.09 -8.22
C SER A 117 -21.93 16.37 -8.09
N ASP A 118 -21.96 15.06 -8.31
CA ASP A 118 -20.73 14.28 -8.51
C ASP A 118 -20.11 14.64 -9.86
N ARG A 119 -20.92 15.14 -10.74
CA ARG A 119 -20.49 15.50 -12.06
C ARG A 119 -20.09 16.94 -12.21
N VAL A 120 -19.02 17.17 -12.93
CA VAL A 120 -18.52 18.54 -13.13
C VAL A 120 -18.77 19.01 -14.57
N ASN A 121 -18.61 20.31 -14.80
CA ASN A 121 -18.89 20.87 -16.11
C ASN A 121 -18.17 22.18 -16.39
N ILE A 122 -17.96 22.43 -17.68
CA ILE A 122 -17.49 23.72 -18.17
C ILE A 122 -18.43 24.13 -19.32
N ALA A 123 -19.14 25.23 -19.14
CA ALA A 123 -20.05 25.73 -20.17
C ALA A 123 -19.27 26.45 -21.27
N GLU A 124 -18.31 27.29 -20.86
CA GLU A 124 -17.37 27.92 -21.80
C GLU A 124 -16.02 28.17 -21.15
N ILE A 125 -14.96 28.11 -21.96
CA ILE A 125 -13.66 28.59 -21.53
C ILE A 125 -13.03 29.49 -22.59
N ASN A 126 -12.74 30.73 -22.17
CA ASN A 126 -12.07 31.70 -23.02
C ASN A 126 -10.63 31.87 -22.56
N VAL A 127 -9.71 31.88 -23.53
CA VAL A 127 -8.30 32.07 -23.25
C VAL A 127 -7.83 33.36 -23.94
N PHE A 128 -7.08 34.18 -23.19
CA PHE A 128 -6.57 35.45 -23.69
C PHE A 128 -5.04 35.47 -23.61
N GLY A 129 -4.39 35.93 -24.67
CA GLY A 129 -2.94 36.05 -24.68
C GLY A 129 -2.36 36.59 -25.96
N LYS A 130 -1.04 36.54 -26.08
CA LYS A 130 -0.32 37.03 -27.21
C LYS A 130 0.34 35.93 -27.98
N ASN A 131 0.06 35.88 -29.25
CA ASN A 131 0.63 34.84 -30.11
C ASN A 131 2.15 34.94 -30.18
N THR A 132 2.86 33.86 -29.85
CA THR A 132 4.31 33.90 -29.89
C THR A 132 4.89 33.61 -31.24
N GLY A 133 4.11 32.99 -32.11
CA GLY A 133 4.59 32.67 -33.45
C GLY A 133 5.18 31.27 -33.53
N GLU A 134 5.29 30.60 -32.38
CA GLU A 134 5.83 29.26 -32.31
C GLU A 134 4.72 28.22 -32.14
N SER A 135 5.10 26.95 -32.33
CA SER A 135 4.18 25.83 -32.16
C SER A 135 4.81 24.80 -31.23
N LEU A 136 3.96 24.01 -30.56
CA LEU A 136 4.44 22.95 -29.67
C LEU A 136 5.36 21.99 -30.41
N PRO A 137 6.45 21.56 -29.75
CA PRO A 137 7.27 20.52 -30.36
C PRO A 137 6.52 19.20 -30.39
N GLU A 138 7.02 18.26 -31.14
CA GLU A 138 6.47 16.93 -31.14
C GLU A 138 6.67 16.26 -29.84
N VAL A 139 5.67 15.51 -29.39
CA VAL A 139 5.77 14.75 -28.15
C VAL A 139 6.49 13.43 -28.37
N LYS A 140 7.61 13.25 -27.66
CA LYS A 140 8.37 12.01 -27.73
C LYS A 140 7.50 10.80 -27.43
N LYS A 141 7.68 9.76 -28.23
CA LYS A 141 7.01 8.49 -28.00
C LYS A 141 7.62 7.76 -26.83
N ILE A 142 6.80 7.09 -26.07
CA ILE A 142 7.32 6.23 -25.00
C ILE A 142 8.21 5.18 -25.65
N ALA A 143 9.46 5.12 -25.20
CA ALA A 143 10.40 4.10 -25.63
C ALA A 143 11.17 3.62 -24.42
N THR A 144 11.28 2.29 -24.30
CA THR A 144 12.11 1.70 -23.26
C THR A 144 13.17 0.79 -23.87
N SER A 145 14.22 0.55 -23.09
CA SER A 145 15.27 -0.38 -23.48
C SER A 145 14.79 -1.81 -23.34
N ASN A 146 15.27 -2.68 -24.23
CA ASN A 146 15.14 -4.12 -24.05
C ASN A 146 16.21 -4.59 -23.09
N PHE A 147 15.83 -5.48 -22.17
CA PHE A 147 16.75 -6.01 -21.15
C PHE A 147 18.12 -6.45 -21.71
N SER A 148 18.09 -7.23 -22.79
CA SER A 148 19.30 -7.76 -23.40
C SER A 148 20.26 -6.66 -23.89
N GLU A 149 19.74 -5.45 -24.07
CA GLU A 149 20.53 -4.32 -24.57
C GLU A 149 21.17 -3.51 -23.46
N THR A 150 20.84 -3.82 -22.20
CA THR A 150 21.28 -3.03 -21.05
C THR A 150 22.50 -3.63 -20.35
N PRO A 151 23.22 -2.81 -19.56
CA PRO A 151 24.26 -3.35 -18.67
C PRO A 151 23.74 -4.35 -17.64
N TRP A 152 22.44 -4.27 -17.32
CA TRP A 152 21.80 -5.19 -16.39
C TRP A 152 21.86 -6.63 -16.86
N ALA A 153 21.70 -6.83 -18.17
CA ALA A 153 21.70 -8.17 -18.77
C ALA A 153 23.10 -8.79 -18.73
N THR A 154 24.10 -7.96 -18.97
CA THR A 154 25.50 -8.38 -18.93
C THR A 154 25.84 -8.87 -17.52
N GLU A 155 25.49 -8.06 -16.53
CA GLU A 155 25.71 -8.39 -15.11
C GLU A 155 24.95 -9.65 -14.69
N TYR A 156 23.68 -9.75 -15.08
CA TYR A 156 22.87 -10.90 -14.73
C TYR A 156 23.45 -12.20 -15.28
N GLU A 157 23.91 -12.15 -16.53
CA GLU A 157 24.48 -13.31 -17.18
C GLU A 157 25.83 -13.71 -16.58
N LYS A 158 26.63 -12.70 -16.22
CA LYS A 158 27.93 -12.91 -15.60
C LYS A 158 27.81 -13.66 -14.27
N PHE A 159 26.92 -13.19 -13.40
CA PHE A 159 26.61 -13.86 -12.14
C PHE A 159 26.20 -15.32 -12.39
N ASN A 160 25.38 -15.54 -13.42
CA ASN A 160 24.87 -16.88 -13.76
C ASN A 160 25.93 -17.86 -14.27
N SER A 161 26.87 -17.35 -15.05
CA SER A 161 27.85 -18.20 -15.74
C SER A 161 29.18 -18.36 -14.99
N ASP A 162 29.47 -17.43 -14.09
CA ASP A 162 30.77 -17.35 -13.43
C ASP A 162 30.62 -17.44 -11.91
N SER A 163 30.88 -18.63 -11.37
CA SER A 163 30.70 -18.94 -9.94
C SER A 163 31.54 -18.06 -9.02
N ALA A 164 32.79 -17.83 -9.40
CA ALA A 164 33.72 -16.98 -8.66
C ALA A 164 33.25 -15.53 -8.62
N TYR A 165 32.78 -15.03 -9.77
CA TYR A 165 32.22 -13.68 -9.82
C TYR A 165 30.95 -13.57 -8.98
N ALA A 166 30.07 -14.56 -9.10
CA ALA A 166 28.82 -14.59 -8.36
C ALA A 166 29.07 -14.56 -6.85
N ASN A 167 29.97 -15.41 -6.38
CA ASN A 167 30.32 -15.49 -4.96
C ASN A 167 30.95 -14.21 -4.44
N GLU A 168 31.88 -13.65 -5.20
CA GLU A 168 32.47 -12.35 -4.89
C GLU A 168 31.40 -11.26 -4.81
N LYS A 169 30.46 -11.27 -5.76
CA LYS A 169 29.33 -10.32 -5.78
C LYS A 169 28.44 -10.46 -4.54
N THR A 170 28.04 -11.68 -4.22
CA THR A 170 27.22 -11.95 -3.03
C THR A 170 27.90 -11.50 -1.75
N LEU A 171 29.17 -11.88 -1.59
CA LEU A 171 29.91 -11.62 -0.36
C LEU A 171 30.16 -10.14 -0.13
N ASN A 172 30.49 -9.41 -1.19
CA ASN A 172 30.60 -7.95 -1.13
C ASN A 172 29.27 -7.29 -0.76
N GLU A 173 28.18 -7.79 -1.34
CA GLU A 173 26.84 -7.25 -1.08
C GLU A 173 26.43 -7.42 0.37
N ILE A 174 26.76 -8.58 0.95
CA ILE A 174 26.47 -8.82 2.36
C ILE A 174 27.29 -7.91 3.27
N LYS A 175 28.52 -7.58 2.87
CA LYS A 175 29.34 -6.59 3.56
C LYS A 175 28.71 -5.20 3.43
N ASN A 176 28.29 -4.85 2.22
CA ASN A 176 27.56 -3.59 2.01
C ASN A 176 26.31 -3.50 2.88
N LEU A 177 25.61 -4.63 3.03
CA LEU A 177 24.44 -4.74 3.90
C LEU A 177 24.79 -4.37 5.33
N VAL A 178 25.86 -4.98 5.86
CA VAL A 178 26.34 -4.72 7.22
C VAL A 178 26.53 -3.22 7.46
N GLY A 179 27.20 -2.57 6.50
CA GLY A 179 27.48 -1.14 6.54
C GLY A 179 26.25 -0.27 6.41
N ARG A 180 25.26 -0.71 5.66
CA ARG A 180 23.97 0.00 5.61
C ARG A 180 23.20 -0.15 6.92
N VAL A 181 23.20 -1.38 7.45
CA VAL A 181 22.44 -1.68 8.66
C VAL A 181 23.05 -1.06 9.93
N ILE A 182 24.30 -1.42 10.25
CA ILE A 182 24.91 -0.96 11.52
C ILE A 182 26.00 0.11 11.38
N GLY A 183 26.45 0.37 10.15
CA GLY A 183 27.48 1.40 9.91
C GLY A 183 28.72 0.82 9.23
N ARG A 184 29.33 1.60 8.38
CA ARG A 184 30.53 1.27 7.66
C ARG A 184 31.67 0.79 8.51
N GLU A 185 31.74 1.32 9.72
CA GLU A 185 32.80 1.02 10.69
C GLU A 185 32.81 -0.44 11.17
N PHE A 186 31.72 -1.17 10.95
CA PHE A 186 31.59 -2.56 11.42
C PHE A 186 31.78 -3.61 10.33
N LYS A 187 32.00 -3.17 9.10
CA LYS A 187 32.13 -4.07 7.95
C LYS A 187 33.29 -5.05 8.08
N ASP A 188 34.46 -4.54 8.48
CA ASP A 188 35.67 -5.34 8.57
C ASP A 188 35.76 -6.18 9.85
N LYS A 189 34.67 -6.22 10.63
CA LYS A 189 34.58 -7.05 11.83
C LYS A 189 33.96 -8.42 11.50
N PHE A 190 33.65 -8.64 10.23
CA PHE A 190 33.00 -9.85 9.79
C PHE A 190 33.76 -10.52 8.66
N ILE A 191 33.76 -11.86 8.67
CA ILE A 191 34.22 -12.63 7.52
C ILE A 191 33.07 -13.49 7.03
N PHE A 192 32.74 -13.38 5.75
CA PHE A 192 31.61 -14.11 5.16
C PHE A 192 32.07 -15.20 4.23
N GLU A 193 31.51 -16.40 4.41
CA GLU A 193 31.85 -17.56 3.60
C GLU A 193 30.62 -18.25 3.04
N ILE A 194 30.69 -18.68 1.79
CA ILE A 194 29.66 -19.53 1.21
C ILE A 194 29.98 -20.97 1.61
N ARG A 195 28.97 -21.70 2.06
CA ARG A 195 29.09 -23.14 2.25
C ARG A 195 27.97 -23.86 1.49
N ASP A 196 27.89 -25.18 1.63
CA ASP A 196 26.81 -25.93 0.98
C ASP A 196 25.55 -25.90 1.84
N GLN A 197 24.43 -26.40 1.30
CA GLN A 197 23.24 -26.64 2.11
C GLN A 197 23.52 -27.72 3.14
N LEU A 198 22.72 -27.73 4.22
CA LEU A 198 22.79 -28.78 5.23
C LEU A 198 21.65 -29.76 5.00
N ASN A 199 21.99 -30.91 4.43
CA ASN A 199 21.01 -31.95 4.04
C ASN A 199 19.86 -31.39 3.18
N GLY A 200 20.19 -30.56 2.19
CA GLY A 200 19.18 -29.99 1.31
C GLY A 200 18.41 -28.78 1.85
N ASN A 201 18.81 -28.31 3.04
CA ASN A 201 18.20 -27.15 3.68
C ASN A 201 19.13 -25.94 3.71
N ASP A 202 18.53 -24.76 3.60
CA ASP A 202 19.26 -23.50 3.82
C ASP A 202 19.78 -23.44 5.25
N VAL A 203 20.98 -22.89 5.41
CA VAL A 203 21.73 -22.99 6.66
C VAL A 203 22.73 -21.86 6.83
N PHE A 204 22.90 -21.42 8.07
CA PHE A 204 23.97 -20.48 8.39
C PHE A 204 24.82 -20.95 9.57
N GLU A 205 26.03 -20.39 9.68
CA GLU A 205 26.92 -20.66 10.81
C GLU A 205 27.49 -19.36 11.32
N VAL A 206 27.61 -19.25 12.64
CA VAL A 206 28.30 -18.13 13.27
C VAL A 206 29.26 -18.64 14.36
N SER A 207 30.48 -18.10 14.34
CA SER A 207 31.56 -18.54 15.21
C SER A 207 32.65 -17.48 15.24
N ASP A 208 33.63 -17.66 16.11
CA ASP A 208 34.76 -16.74 16.23
C ASP A 208 35.83 -17.05 15.19
N SER A 209 36.46 -16.01 14.66
CA SER A 209 37.50 -16.19 13.64
C SER A 209 38.85 -16.61 14.23
N GLY A 210 39.06 -16.25 15.50
CA GLY A 210 40.33 -16.47 16.18
C GLY A 210 41.11 -15.18 16.38
N ASP A 211 40.73 -14.13 15.65
CA ASP A 211 41.36 -12.83 15.84
C ASP A 211 40.34 -11.72 16.15
N GLY A 212 39.24 -12.10 16.80
CA GLY A 212 38.25 -11.15 17.28
C GLY A 212 37.23 -10.69 16.26
N LYS A 213 37.20 -11.35 15.10
CA LYS A 213 36.18 -11.10 14.09
C LYS A 213 35.14 -12.21 14.11
N VAL A 214 33.96 -11.92 13.56
CA VAL A 214 32.89 -12.90 13.49
C VAL A 214 32.86 -13.56 12.11
N LEU A 215 32.99 -14.88 12.10
CA LEU A 215 32.95 -15.67 10.89
C LEU A 215 31.54 -16.18 10.68
N ILE A 216 30.94 -15.80 9.56
CA ILE A 216 29.57 -16.20 9.27
C ILE A 216 29.51 -16.90 7.92
N LYS A 217 28.99 -18.14 7.94
CA LYS A 217 28.78 -18.92 6.73
C LYS A 217 27.28 -18.98 6.38
N GLY A 218 27.00 -19.19 5.10
CA GLY A 218 25.62 -19.45 4.64
C GLY A 218 25.69 -20.02 3.24
N ASN A 219 24.72 -20.84 2.88
CA ASN A 219 24.68 -21.43 1.52
C ASN A 219 24.40 -20.40 0.42
N ASN A 220 23.90 -19.24 0.82
CA ASN A 220 23.58 -18.15 -0.09
C ASN A 220 23.46 -16.82 0.64
N GLY A 221 23.19 -15.76 -0.10
CA GLY A 221 23.06 -14.42 0.44
C GLY A 221 22.10 -14.24 1.60
N VAL A 222 20.90 -14.83 1.52
CA VAL A 222 19.92 -14.63 2.62
C VAL A 222 20.29 -15.45 3.86
N SER A 223 20.90 -16.61 3.65
CA SER A 223 21.47 -17.39 4.75
C SER A 223 22.58 -16.60 5.47
N LEU A 224 23.43 -15.93 4.70
CA LEU A 224 24.50 -15.07 5.27
C LEU A 224 23.95 -13.86 6.03
N ALA A 225 22.91 -13.21 5.49
CA ALA A 225 22.28 -12.08 6.15
C ALA A 225 21.47 -12.48 7.37
N SER A 226 20.99 -13.73 7.37
CA SER A 226 20.27 -14.30 8.50
C SER A 226 21.20 -14.62 9.66
N GLY A 227 22.39 -15.12 9.33
CA GLY A 227 23.46 -15.37 10.30
C GLY A 227 23.92 -14.09 10.96
N PHE A 228 24.06 -13.05 10.14
CA PHE A 228 24.42 -11.72 10.63
C PHE A 228 23.38 -11.20 11.62
N ASN A 229 22.11 -11.26 11.21
CA ASN A 229 20.98 -10.90 12.08
C ASN A 229 20.96 -11.74 13.36
N TYR A 230 21.15 -13.06 13.22
CA TYR A 230 21.23 -13.94 14.38
C TYR A 230 22.29 -13.47 15.37
N TYR A 231 23.48 -13.14 14.87
CA TYR A 231 24.56 -12.64 15.71
C TYR A 231 24.22 -11.34 16.42
N LEU A 232 23.63 -10.40 15.68
CA LEU A 232 23.18 -9.13 16.24
C LEU A 232 22.16 -9.32 17.34
N LYS A 233 21.18 -10.19 17.10
CA LYS A 233 20.07 -10.35 18.05
C LYS A 233 20.48 -11.09 19.30
N ASN A 234 21.29 -12.14 19.11
CA ASN A 234 21.65 -13.04 20.19
C ASN A 234 22.96 -12.69 20.91
N TYR A 235 23.87 -11.98 20.26
CA TYR A 235 25.14 -11.63 20.89
C TYR A 235 25.33 -10.15 21.18
N CYS A 236 24.73 -9.31 20.33
CA CYS A 236 24.86 -7.85 20.44
C CYS A 236 23.67 -7.17 21.10
N ASN A 237 22.58 -7.92 21.24
CA ASN A 237 21.31 -7.36 21.72
C ASN A 237 20.85 -6.21 20.83
N VAL A 238 20.94 -6.42 19.51
CA VAL A 238 20.57 -5.44 18.50
C VAL A 238 19.37 -5.97 17.69
N SER A 239 18.48 -5.06 17.30
CA SER A 239 17.24 -5.41 16.61
C SER A 239 17.02 -4.45 15.45
N TYR A 240 17.03 -4.97 14.23
CA TYR A 240 16.84 -4.14 13.03
C TYR A 240 15.44 -4.28 12.44
N ASN A 241 14.75 -3.16 12.34
CA ASN A 241 13.49 -3.07 11.61
C ASN A 241 13.34 -1.65 11.09
N PRO A 242 13.68 -1.43 9.82
CA PRO A 242 13.74 -0.11 9.17
C PRO A 242 12.39 0.58 9.06
N ILE A 243 11.31 -0.17 9.24
CA ILE A 243 9.96 0.33 9.05
C ILE A 243 9.28 0.60 10.39
N MET A 244 9.64 -0.20 11.40
CA MET A 244 8.94 -0.17 12.69
C MET A 244 9.86 -0.09 13.91
N GLY A 245 10.95 0.65 13.78
CA GLY A 245 11.85 0.91 14.92
C GLY A 245 12.94 -0.12 15.14
N SER A 246 14.16 0.39 15.36
CA SER A 246 15.36 -0.42 15.58
C SER A 246 16.08 -0.05 16.86
N ASN A 247 16.95 -0.97 17.31
CA ASN A 247 18.01 -0.66 18.25
C ASN A 247 19.32 -1.09 17.59
N LEU A 248 20.06 -0.13 17.04
CA LEU A 248 21.25 -0.42 16.27
C LEU A 248 22.52 0.01 17.00
N LYS A 249 22.39 0.19 18.32
CA LYS A 249 23.52 0.55 19.17
C LYS A 249 24.38 -0.67 19.44
N MET A 250 25.59 -0.66 18.88
CA MET A 250 26.51 -1.78 19.00
C MET A 250 27.36 -1.68 20.27
N PRO A 251 27.64 -2.83 20.85
CA PRO A 251 28.62 -2.92 21.89
C PRO A 251 29.93 -2.32 21.52
N GLU A 252 30.69 -2.06 22.55
CA GLU A 252 31.90 -1.32 22.48
C GLU A 252 33.00 -2.15 21.81
N THR A 253 33.11 -3.40 22.23
CA THR A 253 33.85 -4.47 21.53
C THR A 253 32.89 -5.45 20.94
N MET A 254 33.29 -6.10 19.87
CA MET A 254 32.48 -7.16 19.28
C MET A 254 32.43 -8.38 20.19
N PRO A 255 31.24 -8.71 20.66
CA PRO A 255 31.04 -9.89 21.53
C PRO A 255 31.55 -11.17 20.86
N SER A 256 32.19 -12.02 21.65
CA SER A 256 32.60 -13.33 21.17
C SER A 256 31.39 -14.24 21.04
N VAL A 257 31.42 -15.11 20.04
CA VAL A 257 30.36 -16.09 19.83
C VAL A 257 30.44 -17.21 20.87
N GLY A 258 31.64 -17.74 21.07
CA GLY A 258 31.84 -18.88 21.95
C GLY A 258 31.72 -20.15 21.14
N GLU A 259 30.87 -21.07 21.59
CA GLU A 259 30.59 -22.29 20.84
C GLU A 259 29.95 -21.93 19.49
N ARG A 260 30.52 -22.50 18.42
CA ARG A 260 30.00 -22.30 17.06
C ARG A 260 28.53 -22.73 16.96
N VAL A 261 27.74 -21.96 16.21
CA VAL A 261 26.34 -22.34 15.98
C VAL A 261 26.11 -22.70 14.52
N VAL A 262 25.30 -23.73 14.30
CA VAL A 262 24.86 -24.11 12.96
C VAL A 262 23.34 -24.19 13.00
N ILE A 263 22.67 -23.32 12.25
CA ILE A 263 21.21 -23.27 12.21
C ILE A 263 20.71 -23.47 10.78
N ASP A 264 19.83 -24.46 10.60
CA ASP A 264 19.17 -24.67 9.32
C ASP A 264 17.67 -24.32 9.37
N THR A 265 17.04 -24.29 8.21
CA THR A 265 15.58 -24.12 8.13
C THR A 265 14.96 -25.26 7.34
N PRO A 266 13.91 -25.91 7.87
CA PRO A 266 13.25 -26.96 7.12
C PRO A 266 12.43 -26.47 5.92
N TYR A 267 12.26 -25.15 5.80
CA TYR A 267 11.39 -24.59 4.76
C TYR A 267 12.15 -24.17 3.51
N GLU A 268 11.67 -24.60 2.35
CA GLU A 268 12.28 -24.23 1.08
C GLU A 268 12.08 -22.74 0.75
N HIS A 269 10.92 -22.20 1.13
CA HIS A 269 10.60 -20.81 0.86
C HIS A 269 10.23 -20.06 2.11
N ARG A 270 10.65 -18.80 2.19
CA ARG A 270 10.11 -17.87 3.17
C ARG A 270 9.60 -16.69 2.38
N TYR A 271 8.28 -16.55 2.36
CA TYR A 271 7.59 -15.70 1.42
C TYR A 271 7.28 -14.31 2.01
N ALA A 272 7.29 -13.28 1.17
CA ALA A 272 6.80 -11.99 1.63
C ALA A 272 5.96 -11.26 0.59
N LEU A 273 4.90 -10.62 1.05
CA LEU A 273 4.12 -9.61 0.31
C LEU A 273 2.79 -10.10 -0.27
N ASN A 274 1.80 -9.26 -0.05
CA ASN A 274 0.45 -9.36 -0.57
C ASN A 274 0.47 -8.40 -1.76
N PHE A 275 -0.36 -8.64 -2.77
CA PHE A 275 -0.53 -7.62 -3.83
C PHE A 275 -0.84 -6.27 -3.18
N CYS A 276 -1.65 -6.31 -2.12
CA CYS A 276 -2.07 -5.10 -1.43
C CYS A 276 -0.92 -4.28 -0.81
N THR A 277 0.19 -4.93 -0.45
CA THR A 277 1.32 -4.21 0.17
C THR A 277 1.89 -3.15 -0.77
N TYR A 278 1.90 -3.48 -2.07
CA TYR A 278 2.40 -2.59 -3.12
C TYR A 278 1.58 -1.33 -3.28
N SER A 279 0.45 -1.27 -2.59
CA SER A 279 -0.45 -0.11 -2.62
C SER A 279 -0.56 0.57 -1.27
N TYR A 280 -0.98 -0.16 -0.24
CA TYR A 280 -1.16 0.41 1.09
C TYR A 280 0.14 0.88 1.76
N THR A 281 1.27 0.26 1.37
CA THR A 281 2.59 0.59 1.91
C THR A 281 3.58 1.16 0.87
N MET A 282 3.76 0.45 -0.23
CA MET A 282 4.92 0.67 -1.12
C MET A 282 4.64 1.56 -2.35
N SER A 283 3.42 2.07 -2.46
CA SER A 283 3.02 2.91 -3.61
C SER A 283 4.09 3.89 -4.04
N PHE A 284 4.69 4.58 -3.07
CA PHE A 284 5.56 5.74 -3.35
C PHE A 284 7.01 5.54 -2.92
N TRP A 285 7.44 4.29 -2.82
CA TRP A 285 8.82 3.96 -2.47
C TRP A 285 9.79 4.26 -3.61
N ASP A 286 10.94 4.86 -3.25
CA ASP A 286 12.10 4.95 -4.13
C ASP A 286 13.01 3.71 -3.93
N TRP A 287 14.13 3.64 -4.66
CA TRP A 287 15.10 2.56 -4.48
C TRP A 287 15.65 2.46 -3.06
N ASP A 288 15.84 3.61 -2.41
CA ASP A 288 16.38 3.66 -1.05
C ASP A 288 15.51 2.88 -0.05
N GLN A 289 14.19 3.02 -0.20
CA GLN A 289 13.24 2.30 0.65
C GLN A 289 13.17 0.81 0.31
N TYR A 290 13.23 0.48 -0.98
CA TYR A 290 13.29 -0.92 -1.44
C TYR A 290 14.57 -1.66 -1.01
N GLU A 291 15.72 -0.99 -1.12
CA GLU A 291 17.00 -1.54 -0.69
C GLU A 291 16.96 -1.87 0.80
N GLU A 292 16.51 -0.91 1.59
CA GLU A 292 16.28 -1.06 3.01
C GLU A 292 15.41 -2.28 3.32
N PHE A 293 14.29 -2.39 2.59
CA PHE A 293 13.33 -3.50 2.75
C PHE A 293 13.95 -4.84 2.40
N LEU A 294 14.71 -4.89 1.30
CA LEU A 294 15.37 -6.13 0.91
C LEU A 294 16.45 -6.57 1.90
N ASP A 295 17.13 -5.61 2.54
CA ASP A 295 18.09 -5.91 3.61
C ASP A 295 17.37 -6.54 4.79
N TRP A 296 16.26 -5.92 5.19
CA TRP A 296 15.40 -6.47 6.24
C TRP A 296 14.91 -7.89 5.88
N CYS A 297 14.49 -8.09 4.62
CA CYS A 297 14.05 -9.41 4.12
C CYS A 297 15.13 -10.48 4.20
N ALA A 298 16.29 -10.24 3.59
CA ALA A 298 17.40 -11.19 3.64
C ALA A 298 17.80 -11.53 5.09
N MET A 299 17.83 -10.51 5.96
CA MET A 299 18.15 -10.72 7.37
C MET A 299 17.10 -11.56 8.10
N ASN A 300 15.88 -11.56 7.56
CA ASN A 300 14.78 -12.32 8.17
C ASN A 300 14.50 -13.66 7.49
N GLY A 301 15.41 -14.10 6.63
CA GLY A 301 15.35 -15.41 6.01
C GLY A 301 14.55 -15.45 4.71
N VAL A 302 13.99 -14.32 4.33
CA VAL A 302 13.08 -14.25 3.19
C VAL A 302 13.81 -14.54 1.87
N ASN A 303 13.25 -15.45 1.08
CA ASN A 303 13.81 -15.80 -0.23
C ASN A 303 12.78 -15.90 -1.34
N LEU A 304 11.56 -15.43 -1.09
CA LEU A 304 10.49 -15.41 -2.10
C LEU A 304 9.62 -14.18 -1.89
N VAL A 305 9.58 -13.31 -2.90
CA VAL A 305 8.99 -11.98 -2.73
C VAL A 305 8.15 -11.60 -3.94
N LEU A 306 6.88 -11.26 -3.73
CA LEU A 306 6.04 -10.79 -4.83
C LEU A 306 6.63 -9.51 -5.44
N ASP A 307 6.60 -9.44 -6.76
CA ASP A 307 7.26 -8.36 -7.52
C ASP A 307 6.42 -7.89 -8.70
N ILE A 308 5.83 -6.71 -8.59
CA ILE A 308 5.01 -6.16 -9.68
C ILE A 308 5.58 -4.85 -10.23
N ILE A 309 6.82 -4.53 -9.84
CA ILE A 309 7.49 -3.29 -10.25
C ILE A 309 7.77 -3.32 -11.74
N GLY A 310 7.30 -2.30 -12.46
CA GLY A 310 7.55 -2.17 -13.89
C GLY A 310 6.64 -2.97 -14.79
N GLN A 311 5.66 -3.65 -14.19
CA GLN A 311 4.69 -4.45 -14.95
C GLN A 311 3.77 -3.63 -15.85
N GLU A 312 3.78 -2.31 -15.68
CA GLU A 312 3.03 -1.41 -16.56
C GLU A 312 3.66 -1.38 -17.94
N GLU A 313 4.99 -1.46 -17.97
CA GLU A 313 5.73 -1.52 -19.22
C GLU A 313 5.48 -2.83 -19.97
N VAL A 314 5.40 -3.93 -19.22
CA VAL A 314 5.11 -5.26 -19.77
C VAL A 314 3.72 -5.28 -20.44
N LEU A 315 2.71 -4.77 -19.72
CA LEU A 315 1.35 -4.69 -20.25
C LEU A 315 1.25 -3.72 -21.45
N ARG A 316 2.00 -2.62 -21.39
CA ARG A 316 2.03 -1.65 -22.48
C ARG A 316 2.47 -2.35 -23.78
N ARG A 317 3.63 -2.99 -23.74
CA ARG A 317 4.17 -3.72 -24.88
C ARG A 317 3.22 -4.81 -25.40
N THR A 318 2.52 -5.46 -24.47
CA THR A 318 1.57 -6.52 -24.81
C THR A 318 0.31 -5.96 -25.49
N LEU A 319 -0.32 -4.97 -24.88
CA LEU A 319 -1.54 -4.42 -25.44
C LEU A 319 -1.30 -3.67 -26.75
N ASN A 320 -0.11 -3.07 -26.89
CA ASN A 320 0.31 -2.37 -28.13
C ASN A 320 0.21 -3.28 -29.34
N GLU A 321 0.28 -4.58 -29.08
CA GLU A 321 0.25 -5.62 -30.10
C GLU A 321 -1.17 -5.97 -30.51
N PHE A 322 -2.13 -5.51 -29.73
CA PHE A 322 -3.51 -5.90 -29.92
C PHE A 322 -4.46 -4.71 -30.07
N GLY A 323 -3.92 -3.62 -30.62
CA GLY A 323 -4.73 -2.52 -31.09
C GLY A 323 -4.74 -1.28 -30.22
N TYR A 324 -3.96 -1.29 -29.13
CA TYR A 324 -3.96 -0.21 -28.16
C TYR A 324 -2.82 0.76 -28.39
N SER A 325 -3.13 2.06 -28.39
CA SER A 325 -2.09 3.08 -28.38
C SER A 325 -1.59 3.21 -26.96
N ASP A 326 -0.50 3.93 -26.75
CA ASP A 326 0.04 4.16 -25.41
C ASP A 326 -0.93 4.91 -24.52
N GLU A 327 -1.61 5.90 -25.09
CA GLU A 327 -2.62 6.65 -24.33
C GLU A 327 -3.78 5.76 -23.87
N GLU A 328 -4.20 4.83 -24.72
CA GLU A 328 -5.26 3.89 -24.35
C GLU A 328 -4.83 2.94 -23.24
N VAL A 329 -3.58 2.48 -23.33
CA VAL A 329 -2.96 1.66 -22.28
C VAL A 329 -2.93 2.43 -20.94
N LYS A 330 -2.56 3.71 -21.01
CA LYS A 330 -2.53 4.58 -19.82
C LYS A 330 -3.91 4.79 -19.17
N GLU A 331 -4.97 4.79 -19.98
CA GLU A 331 -6.34 4.84 -19.46
C GLU A 331 -6.77 3.51 -18.86
N PHE A 332 -6.27 2.42 -19.41
CA PHE A 332 -6.54 1.09 -18.84
C PHE A 332 -5.93 0.98 -17.43
N ILE A 333 -4.62 1.21 -17.35
CA ILE A 333 -3.88 1.05 -16.11
C ILE A 333 -4.30 2.12 -15.11
N SER A 334 -4.31 1.73 -13.82
CA SER A 334 -4.65 2.62 -12.72
C SER A 334 -3.52 3.61 -12.38
N GLY A 335 -3.73 4.39 -11.31
CA GLY A 335 -2.71 5.27 -10.77
C GLY A 335 -1.84 4.52 -9.79
N PRO A 336 -0.76 5.15 -9.29
CA PRO A 336 0.29 4.49 -8.51
C PRO A 336 -0.14 3.94 -7.15
N ALA A 337 -1.30 4.36 -6.65
CA ALA A 337 -1.79 3.86 -5.36
C ALA A 337 -2.71 2.64 -5.48
N TYR A 338 -2.95 2.18 -6.72
CA TYR A 338 -4.00 1.18 -6.98
C TYR A 338 -3.54 -0.08 -7.72
N PHE A 339 -2.24 -0.30 -7.82
CA PHE A 339 -1.74 -1.42 -8.63
C PHE A 339 -2.12 -2.78 -8.09
N ALA A 340 -2.36 -2.83 -6.78
CA ALA A 340 -2.80 -4.07 -6.14
C ALA A 340 -4.04 -4.63 -6.81
N TRP A 341 -5.05 -3.79 -6.99
CA TRP A 341 -6.36 -4.21 -7.49
C TRP A 341 -6.46 -4.14 -8.99
N PHE A 342 -5.57 -3.38 -9.62
CA PHE A 342 -5.39 -3.48 -11.06
C PHE A 342 -4.85 -4.86 -11.46
N TYR A 343 -3.73 -5.28 -10.88
CA TYR A 343 -3.14 -6.59 -11.19
C TYR A 343 -3.94 -7.78 -10.68
N MET A 344 -4.79 -7.55 -9.69
CA MET A 344 -5.74 -8.58 -9.25
C MET A 344 -7.05 -8.55 -10.03
N GLN A 345 -7.09 -7.76 -11.11
CA GLN A 345 -8.20 -7.74 -12.08
C GLN A 345 -9.52 -7.24 -11.46
N ASN A 346 -9.40 -6.33 -10.50
CA ASN A 346 -10.53 -5.80 -9.76
C ASN A 346 -11.03 -4.44 -10.23
N MET A 347 -10.14 -3.64 -10.82
CA MET A 347 -10.44 -2.26 -11.18
C MET A 347 -9.47 -1.77 -12.26
N THR A 348 -9.86 -0.70 -12.96
CA THR A 348 -9.00 -0.11 -13.99
C THR A 348 -9.05 1.41 -13.94
N GLY A 349 -8.05 2.06 -14.52
CA GLY A 349 -8.09 3.50 -14.77
C GLY A 349 -7.91 4.44 -13.59
N PHE A 350 -8.60 4.16 -12.49
CA PHE A 350 -8.73 5.11 -11.38
C PHE A 350 -7.39 5.54 -10.77
N GLY A 351 -7.18 6.86 -10.70
CA GLY A 351 -5.94 7.43 -10.19
C GLY A 351 -4.95 7.78 -11.29
N GLY A 352 -5.26 7.34 -12.50
CA GLY A 352 -4.44 7.63 -13.68
C GLY A 352 -4.96 8.84 -14.43
N PRO A 353 -4.39 9.11 -15.62
CA PRO A 353 -3.34 8.34 -16.28
C PRO A 353 -1.94 8.59 -15.73
N LEU A 354 -1.13 7.54 -15.67
CA LEU A 354 0.29 7.63 -15.36
C LEU A 354 1.00 8.54 -16.37
N PRO A 355 2.09 9.22 -15.94
CA PRO A 355 2.85 10.06 -16.88
C PRO A 355 3.64 9.17 -17.84
N ASN A 356 4.04 9.71 -18.98
CA ASN A 356 4.84 8.94 -19.96
C ASN A 356 6.17 8.49 -19.38
N ASP A 357 6.70 9.30 -18.48
CA ASP A 357 7.95 9.06 -17.74
C ASP A 357 7.94 7.77 -16.94
N TRP A 358 6.76 7.35 -16.51
CA TRP A 358 6.57 6.21 -15.63
C TRP A 358 7.29 4.93 -16.10
N PHE A 359 7.04 4.56 -17.35
CA PHE A 359 7.39 3.22 -17.86
C PHE A 359 8.88 2.88 -17.80
N GLU A 360 9.73 3.79 -18.28
N GLU A 360 9.75 3.77 -18.27
CA GLU A 360 11.18 3.60 -18.24
CA GLU A 360 11.18 3.55 -18.18
C GLU A 360 11.73 3.60 -16.80
C GLU A 360 11.70 3.58 -16.78
N GLN A 361 11.27 4.53 -15.98
CA GLN A 361 11.76 4.65 -14.60
C GLN A 361 11.46 3.40 -13.76
N ARG A 362 10.33 2.78 -14.02
CA ARG A 362 9.88 1.60 -13.27
C ARG A 362 10.45 0.31 -13.80
N ALA A 363 10.64 0.22 -15.11
CA ALA A 363 11.35 -0.94 -15.68
C ALA A 363 12.77 -0.97 -15.14
N GLU A 364 13.39 0.21 -15.04
CA GLU A 364 14.73 0.37 -14.47
C GLU A 364 14.78 0.05 -12.97
N LEU A 365 13.76 0.44 -12.22
CA LEU A 365 13.71 0.11 -10.80
C LEU A 365 13.60 -1.39 -10.58
N GLY A 366 12.78 -2.06 -11.41
CA GLY A 366 12.60 -3.51 -11.33
C GLY A 366 13.86 -4.27 -11.71
N ARG A 367 14.59 -3.73 -12.68
CA ARG A 367 15.88 -4.26 -13.08
C ARG A 367 16.89 -4.15 -11.94
N LYS A 368 16.97 -2.96 -11.36
N LYS A 368 16.97 -2.98 -11.35
CA LYS A 368 17.77 -2.69 -10.16
CA LYS A 368 17.72 -2.73 -10.16
C LYS A 368 17.49 -3.70 -9.06
C LYS A 368 17.46 -3.74 -9.09
N MET A 369 16.21 -4.01 -8.83
CA MET A 369 15.83 -4.96 -7.80
C MET A 369 16.20 -6.41 -8.09
N HIS A 370 16.15 -6.81 -9.36
CA HIS A 370 16.44 -8.19 -9.71
C HIS A 370 17.93 -8.49 -9.61
N ASP A 371 18.73 -7.44 -9.80
CA ASP A 371 20.17 -7.49 -9.56
C ASP A 371 20.45 -7.74 -8.07
N ARG A 372 19.83 -6.95 -7.20
CA ARG A 372 20.02 -7.13 -5.76
C ARG A 372 19.46 -8.45 -5.24
N MET A 373 18.30 -8.85 -5.77
CA MET A 373 17.67 -10.10 -5.38
C MET A 373 18.54 -11.29 -5.80
N GLN A 374 19.11 -11.22 -6.99
CA GLN A 374 20.01 -12.26 -7.50
C GLN A 374 21.22 -12.45 -6.61
N SER A 375 21.85 -11.33 -6.22
CA SER A 375 22.95 -11.32 -5.25
C SER A 375 22.62 -12.06 -3.96
N PHE A 376 21.43 -11.79 -3.40
CA PHE A 376 21.01 -12.42 -2.15
C PHE A 376 20.46 -13.83 -2.35
N GLY A 377 19.97 -14.13 -3.55
CA GLY A 377 19.29 -15.41 -3.80
C GLY A 377 17.82 -15.37 -3.39
N ILE A 378 17.23 -14.18 -3.51
CA ILE A 378 15.80 -14.02 -3.34
C ILE A 378 15.17 -14.23 -4.70
N ASN A 379 14.18 -15.12 -4.75
CA ASN A 379 13.39 -15.34 -5.95
C ASN A 379 12.25 -14.32 -6.01
N PRO A 380 12.21 -13.48 -7.07
CA PRO A 380 11.03 -12.65 -7.25
C PRO A 380 9.89 -13.49 -7.82
N VAL A 381 8.66 -13.17 -7.44
CA VAL A 381 7.50 -13.79 -8.06
C VAL A 381 7.01 -12.78 -9.10
N LEU A 382 7.16 -13.11 -10.37
CA LEU A 382 6.68 -12.25 -11.44
C LEU A 382 5.22 -12.56 -11.80
N GLN A 383 4.77 -12.04 -12.92
CA GLN A 383 3.36 -12.13 -13.34
C GLN A 383 3.07 -13.33 -14.24
N GLY A 384 1.99 -14.04 -13.94
CA GLY A 384 1.42 -15.00 -14.85
C GLY A 384 0.33 -14.31 -15.64
N TYR A 385 -0.20 -14.97 -16.65
CA TYR A 385 -1.30 -14.43 -17.42
C TYR A 385 -2.54 -15.35 -17.41
N SER A 386 -3.67 -14.80 -16.99
CA SER A 386 -4.94 -15.54 -16.86
C SER A 386 -6.05 -15.15 -17.87
N GLY A 387 -5.86 -14.05 -18.60
CA GLY A 387 -6.83 -13.63 -19.60
C GLY A 387 -7.36 -12.23 -19.46
N MET A 388 -6.81 -11.45 -18.54
CA MET A 388 -7.22 -10.05 -18.32
C MET A 388 -7.05 -9.16 -19.54
N VAL A 389 -8.16 -8.60 -20.01
CA VAL A 389 -8.13 -7.62 -21.12
C VAL A 389 -9.05 -6.44 -20.81
N PRO A 390 -8.82 -5.28 -21.47
CA PRO A 390 -9.79 -4.19 -21.33
C PRO A 390 -11.16 -4.53 -21.89
N ARG A 391 -12.17 -3.75 -21.51
CA ARG A 391 -13.56 -3.99 -21.92
C ARG A 391 -13.81 -3.81 -23.41
N ASP A 392 -12.96 -3.02 -24.06
CA ASP A 392 -13.08 -2.76 -25.49
C ASP A 392 -12.17 -3.64 -26.34
N PHE A 393 -11.75 -4.78 -25.79
CA PHE A 393 -10.79 -5.65 -26.47
C PHE A 393 -11.38 -6.23 -27.77
N LYS A 394 -12.61 -6.73 -27.69
CA LYS A 394 -13.34 -7.24 -28.85
C LYS A 394 -13.55 -6.20 -29.95
N GLU A 395 -13.81 -4.96 -29.56
CA GLU A 395 -13.90 -3.86 -30.52
C GLU A 395 -12.67 -3.78 -31.40
N LYS A 396 -11.50 -3.96 -30.78
CA LYS A 396 -10.20 -3.82 -31.45
C LYS A 396 -9.71 -5.15 -32.04
N ASN A 397 -10.31 -6.24 -31.58
CA ASN A 397 -9.97 -7.58 -32.01
C ASN A 397 -11.26 -8.39 -32.11
N GLN A 398 -11.94 -8.24 -33.24
CA GLN A 398 -13.32 -8.72 -33.42
C GLN A 398 -13.53 -10.22 -33.23
N GLU A 399 -12.50 -11.01 -33.49
CA GLU A 399 -12.59 -12.46 -33.31
C GLU A 399 -12.35 -12.94 -31.87
N ALA A 400 -11.89 -12.05 -31.00
CA ALA A 400 -11.63 -12.40 -29.60
C ALA A 400 -12.90 -12.76 -28.87
N GLN A 401 -12.81 -13.75 -27.98
CA GLN A 401 -13.93 -14.18 -27.16
C GLN A 401 -13.64 -13.79 -25.72
N THR A 402 -14.55 -13.01 -25.11
CA THR A 402 -14.36 -12.50 -23.76
C THR A 402 -15.54 -12.79 -22.83
N ILE A 403 -15.26 -12.84 -21.52
CA ILE A 403 -16.29 -12.99 -20.50
C ILE A 403 -16.35 -11.71 -19.68
N SER A 404 -17.50 -11.06 -19.66
CA SER A 404 -17.70 -9.86 -18.86
C SER A 404 -17.63 -10.19 -17.37
N GLN A 405 -16.86 -9.41 -16.62
CA GLN A 405 -16.54 -9.76 -15.23
C GLN A 405 -17.36 -8.99 -14.18
N GLY A 406 -18.12 -8.01 -14.64
CA GLY A 406 -18.99 -7.25 -13.76
C GLY A 406 -18.25 -6.24 -12.92
N GLY A 407 -18.86 -5.87 -11.79
CA GLY A 407 -18.31 -4.84 -10.93
C GLY A 407 -17.59 -5.39 -9.73
N TRP A 408 -16.65 -4.59 -9.22
CA TRP A 408 -16.02 -4.84 -7.94
C TRP A 408 -15.96 -3.50 -7.19
N CYS A 409 -16.63 -3.44 -6.05
CA CYS A 409 -16.71 -2.23 -5.23
C CYS A 409 -17.00 -0.96 -6.04
N GLY A 410 -17.92 -1.07 -7.00
CA GLY A 410 -18.32 0.08 -7.80
C GLY A 410 -17.40 0.41 -8.97
N PHE A 411 -16.33 -0.37 -9.12
CA PHE A 411 -15.44 -0.28 -10.27
C PHE A 411 -15.85 -1.32 -11.31
N ASP A 412 -15.66 -1.01 -12.57
CA ASP A 412 -15.83 -1.98 -13.64
C ASP A 412 -14.59 -2.86 -13.65
N ARG A 413 -14.78 -4.17 -13.51
CA ARG A 413 -13.67 -5.11 -13.63
C ARG A 413 -13.27 -5.25 -15.11
N PRO A 414 -11.98 -5.51 -15.39
CA PRO A 414 -11.62 -5.76 -16.77
C PRO A 414 -12.31 -7.02 -17.28
N ASP A 415 -12.39 -7.17 -18.59
CA ASP A 415 -12.90 -8.43 -19.14
C ASP A 415 -11.89 -9.55 -18.96
N MET A 416 -12.35 -10.78 -19.15
CA MET A 416 -11.46 -11.93 -19.18
C MET A 416 -11.67 -12.69 -20.49
N LEU A 417 -10.58 -12.91 -21.21
CA LEU A 417 -10.58 -13.77 -22.39
C LEU A 417 -11.08 -15.16 -22.00
N LYS A 418 -11.96 -15.73 -22.84
CA LYS A 418 -12.31 -17.14 -22.68
C LYS A 418 -11.03 -17.97 -22.77
N THR A 419 -10.78 -18.76 -21.73
CA THR A 419 -9.52 -19.46 -21.58
C THR A 419 -9.38 -20.55 -22.65
N TYR A 420 -10.53 -21.02 -23.13
CA TYR A 420 -10.60 -21.88 -24.30
C TYR A 420 -11.85 -21.51 -25.12
N VAL A 421 -11.83 -21.88 -26.39
CA VAL A 421 -12.94 -21.58 -27.29
C VAL A 421 -13.29 -22.84 -28.09
N ASN A 422 -14.34 -22.74 -28.92
CA ASN A 422 -14.76 -23.87 -29.75
C ASN A 422 -13.81 -24.01 -30.93
N GLU A 423 -13.78 -25.18 -31.57
CA GLU A 423 -13.08 -25.32 -32.84
C GLU A 423 -13.68 -24.35 -33.85
N GLY A 424 -12.84 -23.69 -34.64
CA GLY A 424 -13.31 -22.72 -35.62
C GLY A 424 -13.29 -21.29 -35.11
N GLU A 425 -13.10 -21.14 -33.79
CA GLU A 425 -12.94 -19.82 -33.18
C GLU A 425 -11.47 -19.47 -32.97
N ALA A 426 -11.13 -18.19 -33.11
CA ALA A 426 -9.81 -17.68 -32.79
C ALA A 426 -9.59 -17.71 -31.27
N ASP A 427 -8.44 -18.25 -30.86
CA ASP A 427 -8.13 -18.39 -29.44
C ASP A 427 -7.19 -17.29 -28.96
N TYR A 428 -7.77 -16.18 -28.53
CA TYR A 428 -7.00 -15.00 -28.13
C TYR A 428 -6.36 -15.12 -26.74
N PHE A 429 -6.81 -16.07 -25.92
CA PHE A 429 -6.06 -16.35 -24.71
C PHE A 429 -4.66 -16.82 -25.09
N GLN A 430 -4.56 -17.76 -26.02
CA GLN A 430 -3.27 -18.28 -26.48
C GLN A 430 -2.42 -17.21 -27.13
N LYS A 431 -3.04 -16.37 -27.97
CA LYS A 431 -2.34 -15.27 -28.64
C LYS A 431 -1.77 -14.25 -27.64
N VAL A 432 -2.62 -13.76 -26.75
CA VAL A 432 -2.24 -12.72 -25.78
C VAL A 432 -1.31 -13.24 -24.69
N ALA A 433 -1.56 -14.47 -24.22
CA ALA A 433 -0.67 -15.10 -23.24
C ALA A 433 0.75 -15.25 -23.79
N ASP A 434 0.87 -15.72 -25.03
CA ASP A 434 2.17 -15.86 -25.70
C ASP A 434 2.92 -14.55 -25.76
N VAL A 435 2.21 -13.48 -26.09
CA VAL A 435 2.83 -12.16 -26.20
C VAL A 435 3.25 -11.64 -24.83
N PHE A 436 2.37 -11.78 -23.85
CA PHE A 436 2.64 -11.30 -22.50
C PHE A 436 3.90 -11.93 -21.93
N TYR A 437 3.98 -13.25 -22.00
CA TYR A 437 5.10 -14.00 -21.45
C TYR A 437 6.39 -13.68 -22.20
N GLU A 438 6.25 -13.30 -23.47
CA GLU A 438 7.40 -12.88 -24.26
C GLU A 438 7.87 -11.49 -23.87
N LYS A 439 6.92 -10.56 -23.77
CA LYS A 439 7.24 -9.19 -23.41
C LYS A 439 7.76 -9.01 -22.01
N GLN A 440 7.32 -9.81 -21.07
CA GLN A 440 7.86 -9.85 -19.70
C GLN A 440 9.35 -10.22 -19.71
N LYS A 441 9.71 -11.20 -20.53
CA LYS A 441 11.09 -11.58 -20.80
C LYS A 441 11.93 -10.45 -21.41
N GLU A 442 11.32 -9.70 -22.33
CA GLU A 442 11.99 -8.59 -23.01
C GLU A 442 12.30 -7.46 -22.07
N VAL A 443 11.44 -7.26 -21.07
CA VAL A 443 11.60 -6.16 -20.13
C VAL A 443 12.59 -6.49 -19.00
N PHE A 444 12.52 -7.71 -18.46
CA PHE A 444 13.27 -8.08 -17.26
C PHE A 444 14.22 -9.26 -17.44
N GLY A 445 14.10 -9.97 -18.56
CA GLY A 445 14.87 -11.19 -18.77
C GLY A 445 14.37 -12.36 -17.96
N ASP A 446 15.13 -13.46 -17.99
CA ASP A 446 14.83 -14.67 -17.24
C ASP A 446 15.28 -14.62 -15.79
N VAL A 447 14.46 -14.03 -14.92
CA VAL A 447 14.91 -13.78 -13.56
C VAL A 447 14.29 -14.69 -12.49
N THR A 448 13.29 -15.48 -12.88
CA THR A 448 12.57 -16.32 -11.93
C THR A 448 11.85 -17.48 -12.62
N ASN A 449 11.47 -18.49 -11.83
CA ASN A 449 10.55 -19.56 -12.25
C ASN A 449 9.20 -19.41 -11.59
N PHE A 450 9.04 -18.36 -10.78
CA PHE A 450 7.82 -18.15 -10.01
C PHE A 450 6.97 -17.04 -10.59
N TYR A 451 5.71 -17.37 -10.86
CA TYR A 451 4.77 -16.46 -11.52
C TYR A 451 3.44 -16.46 -10.77
N GLY A 452 2.94 -15.27 -10.47
CA GLY A 452 1.69 -15.10 -9.74
C GLY A 452 0.58 -14.56 -10.61
N VAL A 453 -0.58 -15.21 -10.57
CA VAL A 453 -1.79 -14.73 -11.21
C VAL A 453 -2.98 -15.32 -10.48
N ASP A 454 -4.06 -14.55 -10.41
CA ASP A 454 -5.19 -14.89 -9.56
C ASP A 454 -6.50 -14.50 -10.23
N PRO A 455 -6.98 -15.31 -11.20
CA PRO A 455 -8.30 -15.05 -11.78
C PRO A 455 -9.41 -15.18 -10.73
N PHE A 456 -10.48 -14.42 -10.91
CA PHE A 456 -11.65 -14.44 -10.03
C PHE A 456 -11.29 -14.09 -8.59
N HIS A 457 -10.46 -13.06 -8.43
CA HIS A 457 -10.14 -12.53 -7.13
C HIS A 457 -11.30 -11.66 -6.66
N GLU A 458 -11.96 -12.12 -5.59
CA GLU A 458 -13.11 -11.43 -5.00
C GLU A 458 -14.24 -11.18 -5.99
N GLY A 459 -14.58 -12.22 -6.75
CA GLY A 459 -15.73 -12.19 -7.64
C GLY A 459 -15.40 -12.47 -9.09
N GLY A 460 -16.11 -11.81 -9.99
CA GLY A 460 -15.97 -12.10 -11.41
C GLY A 460 -16.98 -13.12 -11.88
N ASN A 461 -16.69 -13.74 -13.03
CA ASN A 461 -17.64 -14.59 -13.71
C ASN A 461 -16.91 -15.61 -14.57
N THR A 462 -17.19 -16.89 -14.35
CA THR A 462 -16.55 -17.95 -15.13
C THR A 462 -17.28 -18.22 -16.45
N GLY A 463 -18.36 -17.48 -16.71
CA GLY A 463 -19.12 -17.62 -17.95
C GLY A 463 -19.66 -19.04 -18.15
N ASP A 464 -19.40 -19.59 -19.33
CA ASP A 464 -19.85 -20.95 -19.68
C ASP A 464 -18.77 -21.99 -19.37
N LEU A 465 -17.61 -21.54 -18.90
CA LEU A 465 -16.42 -22.38 -18.87
C LEU A 465 -16.33 -23.30 -17.64
N ASP A 466 -15.63 -24.43 -17.83
CA ASP A 466 -15.33 -25.36 -16.75
C ASP A 466 -14.21 -24.79 -15.89
N ASN A 467 -14.45 -24.73 -14.58
CA ASN A 467 -13.50 -24.24 -13.59
C ASN A 467 -12.12 -24.91 -13.59
N GLY A 468 -12.11 -26.25 -13.58
CA GLY A 468 -10.86 -27.02 -13.57
C GLY A 468 -10.07 -26.88 -14.86
N LYS A 469 -10.77 -26.89 -15.99
CA LYS A 469 -10.17 -26.72 -17.31
C LYS A 469 -9.51 -25.33 -17.49
N ILE A 470 -10.09 -24.29 -16.90
CA ILE A 470 -9.52 -22.95 -16.89
C ILE A 470 -8.12 -22.94 -16.28
N TYR A 471 -7.99 -23.59 -15.12
CA TYR A 471 -6.74 -23.65 -14.37
C TYR A 471 -5.70 -24.57 -14.99
N GLU A 472 -6.16 -25.61 -15.66
CA GLU A 472 -5.30 -26.49 -16.48
C GLU A 472 -4.64 -25.70 -17.60
N ILE A 473 -5.44 -24.89 -18.28
CA ILE A 473 -4.98 -24.19 -19.47
C ILE A 473 -4.03 -23.03 -19.12
N ILE A 474 -4.36 -22.29 -18.06
CA ILE A 474 -3.48 -21.21 -17.56
C ILE A 474 -2.11 -21.76 -17.16
N GLN A 475 -2.10 -22.88 -16.42
CA GLN A 475 -0.86 -23.51 -15.97
C GLN A 475 -0.05 -24.09 -17.13
N ASN A 476 -0.73 -24.77 -18.05
CA ASN A 476 -0.06 -25.31 -19.23
C ASN A 476 0.59 -24.23 -20.08
N LYS A 477 -0.11 -23.10 -20.23
CA LYS A 477 0.42 -21.95 -20.96
C LYS A 477 1.66 -21.37 -20.25
N MET A 478 1.59 -21.30 -18.93
CA MET A 478 2.70 -20.79 -18.12
C MET A 478 3.94 -21.68 -18.27
N ILE A 479 3.74 -23.00 -18.19
CA ILE A 479 4.83 -23.97 -18.34
C ILE A 479 5.41 -24.00 -19.76
N GLU A 480 4.58 -23.67 -20.75
CA GLU A 480 5.02 -23.57 -22.13
C GLU A 480 6.14 -22.54 -22.31
N HIS A 481 6.04 -21.44 -21.57
CA HIS A 481 7.04 -20.38 -21.66
C HIS A 481 8.20 -20.51 -20.68
N ASP A 482 8.03 -21.35 -19.66
CA ASP A 482 9.08 -21.68 -18.69
C ASP A 482 8.81 -23.08 -18.18
N ASN A 483 9.60 -24.06 -18.62
CA ASN A 483 9.34 -25.47 -18.27
C ASN A 483 9.37 -25.72 -16.76
N ASP A 484 10.10 -24.88 -16.05
CA ASP A 484 10.27 -25.03 -14.61
C ASP A 484 9.33 -24.14 -13.80
N ALA A 485 8.41 -23.44 -14.47
CA ALA A 485 7.51 -22.49 -13.83
C ALA A 485 6.72 -23.08 -12.67
N VAL A 486 6.50 -22.25 -11.65
CA VAL A 486 5.67 -22.61 -10.50
C VAL A 486 4.61 -21.51 -10.37
N TRP A 487 3.34 -21.89 -10.52
CA TRP A 487 2.24 -20.93 -10.41
C TRP A 487 1.90 -20.68 -8.96
N VAL A 488 2.17 -19.46 -8.50
CA VAL A 488 1.90 -19.06 -7.13
C VAL A 488 0.46 -18.54 -7.03
N ILE A 489 -0.37 -19.26 -6.28
CA ILE A 489 -1.81 -19.00 -6.21
C ILE A 489 -2.21 -18.56 -4.79
N GLN A 490 -2.99 -17.50 -4.67
CA GLN A 490 -3.51 -17.04 -3.40
C GLN A 490 -4.70 -17.86 -3.00
N ASN A 491 -4.80 -18.22 -1.74
CA ASN A 491 -5.98 -18.89 -1.23
C ASN A 491 -6.72 -17.94 -0.30
N TRP A 492 -7.83 -17.39 -0.77
CA TRP A 492 -8.63 -16.45 0.04
C TRP A 492 -10.09 -16.87 0.11
N GLN A 493 -10.58 -17.06 1.34
CA GLN A 493 -11.95 -17.53 1.64
C GLN A 493 -12.50 -18.64 0.72
N GLY A 494 -11.79 -19.78 0.73
CA GLY A 494 -12.24 -20.98 0.02
C GLY A 494 -12.09 -20.94 -1.49
N ASN A 495 -11.48 -19.87 -2.00
CA ASN A 495 -11.26 -19.71 -3.43
C ASN A 495 -9.77 -19.53 -3.75
N PRO A 496 -9.24 -20.27 -4.75
CA PRO A 496 -9.94 -21.07 -5.74
C PRO A 496 -10.56 -22.34 -5.15
N SER A 497 -11.75 -22.69 -5.62
CA SER A 497 -12.45 -23.88 -5.15
C SER A 497 -11.65 -25.14 -5.44
N ASN A 498 -11.98 -26.22 -4.73
CA ASN A 498 -11.32 -27.51 -4.97
C ASN A 498 -11.39 -27.94 -6.44
N ASN A 499 -12.53 -27.68 -7.08
CA ASN A 499 -12.72 -27.99 -8.49
C ASN A 499 -11.72 -27.27 -9.40
N LYS A 500 -11.46 -25.99 -9.08
N LYS A 500 -11.47 -25.99 -9.09
CA LYS A 500 -10.46 -25.20 -9.79
CA LYS A 500 -10.45 -25.21 -9.80
C LYS A 500 -9.06 -25.79 -9.59
C LYS A 500 -9.06 -25.80 -9.59
N LEU A 501 -8.71 -26.04 -8.33
CA LEU A 501 -7.38 -26.60 -7.98
C LEU A 501 -7.14 -28.00 -8.52
N GLU A 502 -8.21 -28.80 -8.61
CA GLU A 502 -8.11 -30.15 -9.16
C GLU A 502 -7.77 -30.12 -10.66
N GLY A 503 -7.95 -28.96 -11.28
CA GLY A 503 -7.58 -28.73 -12.67
C GLY A 503 -6.08 -28.63 -12.92
N LEU A 504 -5.31 -28.32 -11.87
CA LEU A 504 -3.85 -28.26 -11.97
C LEU A 504 -3.27 -29.67 -12.17
N THR A 505 -2.89 -29.97 -13.41
CA THR A 505 -2.44 -31.31 -13.75
C THR A 505 -0.97 -31.57 -13.36
N LYS A 506 -0.24 -30.48 -13.11
CA LYS A 506 1.10 -30.59 -12.58
C LYS A 506 1.20 -29.95 -11.18
N LYS A 507 0.90 -30.75 -10.17
CA LYS A 507 0.84 -30.30 -8.78
C LYS A 507 2.16 -29.69 -8.29
N ASP A 508 3.28 -30.31 -8.71
CA ASP A 508 4.64 -29.84 -8.43
C ASP A 508 4.89 -28.40 -8.84
N GLN A 509 4.20 -27.97 -9.89
CA GLN A 509 4.44 -26.66 -10.50
C GLN A 509 3.32 -25.66 -10.20
N ALA A 510 2.69 -25.85 -9.05
CA ALA A 510 1.79 -24.88 -8.45
C ALA A 510 2.19 -24.72 -6.99
N MET A 511 1.92 -23.55 -6.41
CA MET A 511 2.20 -23.34 -5.00
C MET A 511 1.18 -22.39 -4.38
N VAL A 512 0.37 -22.92 -3.47
CA VAL A 512 -0.75 -22.17 -2.92
C VAL A 512 -0.38 -21.47 -1.63
N LEU A 513 -0.65 -20.17 -1.59
CA LEU A 513 -0.46 -19.38 -0.38
C LEU A 513 -1.74 -19.43 0.43
N ASP A 514 -1.71 -20.18 1.53
CA ASP A 514 -2.78 -20.11 2.52
C ASP A 514 -2.65 -18.76 3.19
N LEU A 515 -3.52 -17.83 2.82
CA LEU A 515 -3.28 -16.41 3.06
C LEU A 515 -3.40 -15.96 4.51
N PHE A 516 -4.24 -16.66 5.28
CA PHE A 516 -4.72 -16.18 6.57
C PHE A 516 -4.57 -17.26 7.64
N SER A 517 -3.42 -17.93 7.65
CA SER A 517 -3.21 -19.11 8.48
C SER A 517 -3.25 -18.86 10.00
N GLU A 518 -3.07 -17.60 10.42
CA GLU A 518 -2.98 -17.28 11.85
C GLU A 518 -4.33 -16.88 12.45
N VAL A 519 -5.35 -16.77 11.60
CA VAL A 519 -6.71 -16.45 12.05
C VAL A 519 -7.70 -17.46 11.49
N SER A 520 -7.54 -17.80 10.21
CA SER A 520 -8.45 -18.72 9.53
C SER A 520 -7.70 -19.62 8.54
N PRO A 521 -6.96 -20.62 9.05
CA PRO A 521 -6.17 -21.49 8.17
C PRO A 521 -7.06 -22.38 7.31
N ASP A 522 -6.59 -22.67 6.11
CA ASP A 522 -7.37 -23.47 5.16
C ASP A 522 -6.42 -24.29 4.27
N TRP A 523 -5.39 -24.86 4.88
CA TRP A 523 -4.40 -25.62 4.14
C TRP A 523 -4.70 -27.10 4.02
N ASN A 524 -5.62 -27.59 4.85
CA ASN A 524 -5.97 -29.02 4.80
C ASN A 524 -6.40 -29.47 3.41
N ARG A 525 -7.27 -28.67 2.78
CA ARG A 525 -7.77 -28.94 1.42
C ARG A 525 -6.65 -29.01 0.38
N LEU A 526 -5.58 -28.24 0.60
CA LEU A 526 -4.43 -28.18 -0.31
C LEU A 526 -3.51 -29.37 -0.07
N GLU A 527 -3.23 -29.62 1.20
CA GLU A 527 -2.48 -30.78 1.65
C GLU A 527 -3.08 -32.08 1.10
N GLU A 528 -4.38 -32.29 1.31
CA GLU A 528 -5.13 -33.45 0.79
C GLU A 528 -5.00 -33.66 -0.72
N ARG A 529 -4.85 -32.57 -1.46
CA ARG A 529 -4.73 -32.62 -2.91
C ARG A 529 -3.28 -32.59 -3.36
N ASP A 530 -2.36 -32.78 -2.42
CA ASP A 530 -0.91 -32.83 -2.68
C ASP A 530 -0.37 -31.58 -3.39
N LEU A 531 -0.97 -30.44 -3.08
CA LEU A 531 -0.47 -29.15 -3.57
C LEU A 531 0.57 -28.63 -2.60
N PRO A 532 1.74 -28.21 -3.13
CA PRO A 532 2.69 -27.48 -2.31
C PRO A 532 2.05 -26.19 -1.84
N TRP A 533 2.24 -25.85 -0.57
CA TRP A 533 1.61 -24.67 0.00
C TRP A 533 2.48 -23.99 1.05
N ILE A 534 2.15 -22.73 1.33
CA ILE A 534 2.88 -21.92 2.29
C ILE A 534 1.92 -21.40 3.37
N TRP A 535 2.33 -21.57 4.63
CA TRP A 535 1.62 -21.09 5.81
C TRP A 535 1.93 -19.60 5.95
N ASN A 536 0.91 -18.76 5.98
CA ASN A 536 1.14 -17.32 5.97
C ASN A 536 0.46 -16.59 7.10
N MET A 537 1.16 -15.62 7.69
CA MET A 537 0.55 -14.68 8.62
C MET A 537 0.10 -13.45 7.85
N LEU A 538 -1.21 -13.16 7.88
CA LEU A 538 -1.74 -11.99 7.18
C LEU A 538 -1.64 -10.76 8.08
N HIS A 539 -2.31 -10.83 9.23
CA HIS A 539 -2.18 -9.86 10.31
C HIS A 539 -2.79 -8.48 10.05
N ASN A 540 -2.36 -7.83 8.98
CA ASN A 540 -2.65 -6.42 8.75
C ASN A 540 -3.60 -6.25 7.57
N PHE A 541 -4.70 -5.55 7.81
CA PHE A 541 -5.66 -5.23 6.76
C PHE A 541 -5.72 -3.72 6.55
N GLY A 542 -5.47 -3.30 5.31
CA GLY A 542 -5.64 -1.90 4.90
C GLY A 542 -4.67 -0.90 5.48
N GLY A 543 -3.67 -1.39 6.20
CA GLY A 543 -2.78 -0.52 6.96
C GLY A 543 -3.43 0.03 8.21
N ARG A 544 -4.56 -0.56 8.61
CA ARG A 544 -5.31 -0.11 9.77
C ARG A 544 -4.53 -0.44 11.04
N MET A 545 -4.48 0.51 11.96
CA MET A 545 -3.54 0.44 13.06
C MET A 545 -4.16 0.01 14.38
N GLY A 546 -3.31 -0.47 15.28
CA GLY A 546 -3.75 -0.91 16.61
C GLY A 546 -2.93 -2.07 17.14
N MET A 547 -2.92 -2.23 18.45
CA MET A 547 -2.18 -3.32 19.08
C MET A 547 -2.89 -4.64 18.82
N ASP A 548 -2.24 -5.50 18.04
CA ASP A 548 -2.84 -6.73 17.55
C ASP A 548 -1.75 -7.64 17.02
N ALA A 549 -1.72 -8.87 17.53
CA ALA A 549 -0.77 -9.89 17.11
C ALA A 549 -1.17 -11.23 17.71
N ALA A 550 -0.67 -12.31 17.11
CA ALA A 550 -0.99 -13.67 17.54
C ALA A 550 0.27 -14.48 17.86
N PRO A 551 1.10 -13.99 18.80
CA PRO A 551 2.40 -14.62 19.01
C PRO A 551 2.35 -16.07 19.48
N GLU A 552 1.39 -16.41 20.34
CA GLU A 552 1.21 -17.81 20.78
C GLU A 552 0.97 -18.75 19.61
N LYS A 553 0.04 -18.39 18.72
CA LYS A 553 -0.26 -19.21 17.55
C LYS A 553 0.94 -19.36 16.62
N LEU A 554 1.71 -18.27 16.44
CA LEU A 554 2.92 -18.32 15.62
C LEU A 554 3.96 -19.27 16.23
N ALA A 555 4.08 -19.22 17.56
CA ALA A 555 5.07 -19.99 18.28
C ALA A 555 4.72 -21.48 18.34
N THR A 556 3.45 -21.80 18.15
CA THR A 556 2.98 -23.19 18.26
C THR A 556 2.44 -23.81 16.96
N GLU A 557 1.58 -23.08 16.24
CA GLU A 557 0.86 -23.64 15.08
C GLU A 557 1.74 -23.93 13.88
N ILE A 558 2.80 -23.14 13.72
CA ILE A 558 3.70 -23.31 12.58
C ILE A 558 4.45 -24.65 12.61
N PRO A 559 5.19 -24.95 13.71
CA PRO A 559 5.85 -26.26 13.79
C PRO A 559 4.86 -27.42 13.88
N LYS A 560 3.68 -27.17 14.42
CA LYS A 560 2.60 -28.14 14.47
C LYS A 560 2.13 -28.49 13.04
N ALA A 561 2.06 -27.48 12.17
CA ALA A 561 1.70 -27.70 10.77
C ALA A 561 2.78 -28.47 10.00
N LEU A 562 4.04 -28.21 10.30
CA LEU A 562 5.17 -28.92 9.70
C LEU A 562 5.17 -30.41 10.05
N ALA A 563 4.87 -30.72 11.31
CA ALA A 563 4.77 -32.11 11.76
C ALA A 563 3.54 -32.83 11.19
N ASN A 564 2.48 -32.08 10.93
CA ASN A 564 1.19 -32.65 10.48
C ASN A 564 0.94 -32.57 8.97
N SER A 565 2.00 -32.44 8.18
CA SER A 565 1.84 -32.27 6.73
C SER A 565 3.02 -32.85 5.96
N GLU A 566 2.83 -33.02 4.65
CA GLU A 566 3.87 -33.52 3.76
C GLU A 566 4.14 -32.54 2.61
N HIS A 567 3.35 -31.48 2.50
CA HIS A 567 3.46 -30.55 1.36
C HIS A 567 3.61 -29.09 1.76
N MET A 568 3.87 -28.84 3.04
CA MET A 568 4.19 -27.49 3.53
C MET A 568 5.62 -27.16 3.09
N VAL A 569 5.73 -26.28 2.10
CA VAL A 569 7.04 -25.94 1.52
C VAL A 569 7.59 -24.58 1.98
N GLY A 570 6.86 -23.90 2.85
CA GLY A 570 7.34 -22.64 3.37
C GLY A 570 6.43 -21.97 4.35
N ILE A 571 6.89 -20.84 4.87
CA ILE A 571 6.08 -19.94 5.68
C ILE A 571 6.29 -18.55 5.08
N GLY A 572 5.47 -17.58 5.47
CA GLY A 572 5.68 -16.23 4.95
C GLY A 572 4.72 -15.22 5.55
N ILE A 573 4.79 -14.00 5.02
CA ILE A 573 3.89 -12.94 5.44
C ILE A 573 3.08 -12.46 4.24
N THR A 574 1.79 -12.22 4.45
CA THR A 574 0.93 -11.72 3.40
C THR A 574 0.14 -10.46 3.80
N PRO A 575 0.77 -9.49 4.48
CA PRO A 575 -0.02 -8.36 5.00
C PRO A 575 -0.40 -7.36 3.93
N GLU A 576 -1.51 -6.67 4.13
CA GLU A 576 -1.99 -5.69 3.16
C GLU A 576 -1.18 -4.39 3.26
N ALA A 577 -0.56 -4.20 4.42
CA ALA A 577 0.38 -3.12 4.65
C ALA A 577 1.40 -3.60 5.67
N ILE A 578 2.64 -3.13 5.55
CA ILE A 578 3.70 -3.43 6.53
C ILE A 578 4.02 -2.14 7.31
N ASN A 579 3.25 -1.90 8.36
CA ASN A 579 3.32 -0.63 9.10
C ASN A 579 3.04 -0.76 10.58
N THR A 580 2.80 -1.98 11.04
CA THR A 580 2.20 -2.16 12.35
C THR A 580 2.71 -3.44 13.06
N ASN A 581 2.83 -3.36 14.39
CA ASN A 581 3.16 -4.49 15.28
C ASN A 581 4.41 -5.30 14.87
N PRO A 582 5.62 -4.70 15.04
CA PRO A 582 6.86 -5.38 14.66
C PRO A 582 7.06 -6.75 15.31
N LEU A 583 6.50 -6.96 16.49
CA LEU A 583 6.65 -8.22 17.22
C LEU A 583 6.22 -9.41 16.37
N ALA A 584 5.03 -9.28 15.76
CA ALA A 584 4.42 -10.35 14.97
C ALA A 584 5.30 -10.81 13.81
N TYR A 585 6.00 -9.85 13.19
CA TYR A 585 6.81 -10.09 11.99
C TYR A 585 8.18 -10.67 12.31
N GLU A 586 8.74 -10.26 13.45
CA GLU A 586 10.02 -10.82 13.89
C GLU A 586 9.85 -12.28 14.32
N LEU A 587 8.79 -12.54 15.08
CA LEU A 587 8.48 -13.90 15.52
C LEU A 587 8.17 -14.85 14.35
N LEU A 588 7.31 -14.41 13.44
CA LEU A 588 6.95 -15.23 12.27
C LEU A 588 8.20 -15.72 11.56
N PHE A 589 9.11 -14.81 11.22
CA PHE A 589 10.30 -15.19 10.46
C PHE A 589 11.30 -16.01 11.28
N ASP A 590 11.35 -15.77 12.59
CA ASP A 590 12.08 -16.62 13.54
C ASP A 590 11.62 -18.07 13.55
N MET A 591 10.34 -18.30 13.24
CA MET A 591 9.73 -19.63 13.28
C MET A 591 10.10 -20.50 12.08
N ALA A 592 10.79 -19.90 11.11
CA ALA A 592 11.35 -20.64 9.98
C ALA A 592 12.56 -21.47 10.37
N TRP A 593 13.18 -21.13 11.50
CA TRP A 593 14.49 -21.69 11.87
C TRP A 593 14.41 -22.68 13.03
N THR A 594 13.21 -23.23 13.25
CA THR A 594 12.99 -24.26 14.26
C THR A 594 11.99 -25.30 13.75
N ARG A 595 12.09 -26.53 14.26
CA ARG A 595 11.12 -27.58 13.96
C ARG A 595 10.24 -27.80 15.18
N ASP A 596 10.56 -27.09 16.26
CA ASP A 596 9.89 -27.24 17.55
C ASP A 596 9.10 -26.00 17.91
N GLN A 597 7.98 -26.22 18.60
CA GLN A 597 7.23 -25.14 19.24
C GLN A 597 8.13 -24.40 20.22
N ILE A 598 7.91 -23.10 20.36
CA ILE A 598 8.68 -22.32 21.33
C ILE A 598 7.75 -21.61 22.29
N ASN A 599 8.33 -21.11 23.39
CA ASN A 599 7.59 -20.37 24.39
C ASN A 599 7.50 -18.89 24.02
N PHE A 600 6.31 -18.44 23.62
CA PHE A 600 6.10 -17.07 23.15
C PHE A 600 6.32 -15.99 24.21
N ARG A 601 6.18 -16.37 25.48
CA ARG A 601 6.33 -15.44 26.60
C ARG A 601 7.78 -15.09 26.85
N THR A 602 8.63 -16.12 26.86
CA THR A 602 10.07 -15.94 27.04
C THR A 602 10.73 -15.45 25.76
N TRP A 603 10.14 -15.80 24.60
CA TRP A 603 10.56 -15.19 23.34
C TRP A 603 10.39 -13.68 23.40
N THR A 604 9.24 -13.23 23.89
CA THR A 604 8.94 -11.81 24.02
C THR A 604 9.92 -11.12 24.98
N GLU A 605 10.15 -11.76 26.12
CA GLU A 605 11.12 -11.26 27.09
C GLU A 605 12.46 -10.92 26.46
N ASP A 606 13.02 -11.85 25.67
CA ASP A 606 14.28 -11.60 24.98
C ASP A 606 14.14 -10.53 23.89
N TYR A 607 13.00 -10.54 23.20
CA TYR A 607 12.74 -9.62 22.09
C TYR A 607 12.78 -8.15 22.53
N ILE A 608 12.14 -7.86 23.66
CA ILE A 608 12.03 -6.47 24.12
C ILE A 608 13.36 -5.91 24.65
N GLU A 609 14.21 -6.80 25.17
CA GLU A 609 15.55 -6.41 25.63
C GLU A 609 16.44 -5.96 24.46
N ARG A 610 16.41 -6.68 23.35
CA ARG A 610 17.19 -6.29 22.18
C ARG A 610 16.56 -5.11 21.45
N ARG A 611 15.23 -5.06 21.45
CA ARG A 611 14.52 -3.94 20.83
C ARG A 611 14.75 -2.62 21.58
N TYR A 612 14.79 -2.68 22.92
CA TYR A 612 14.99 -1.46 23.71
C TYR A 612 16.46 -1.21 24.07
N GLY A 613 17.30 -2.23 23.93
CA GLY A 613 18.73 -2.14 24.24
C GLY A 613 19.01 -2.33 25.71
N LYS A 614 17.98 -2.69 26.46
CA LYS A 614 18.00 -2.84 27.90
C LYS A 614 16.63 -3.32 28.33
N THR A 615 16.52 -3.88 29.52
CA THR A 615 15.22 -4.27 30.05
C THR A 615 15.20 -4.15 31.57
N ASN A 616 14.01 -4.19 32.14
CA ASN A 616 13.85 -4.33 33.59
C ASN A 616 12.58 -5.08 33.96
N LYS A 617 12.37 -5.21 35.26
N LYS A 617 12.34 -5.19 35.24
CA LYS A 617 11.25 -5.94 35.85
CA LYS A 617 11.23 -5.94 35.74
C LYS A 617 9.91 -5.33 35.43
C LYS A 617 9.90 -5.32 35.39
N GLU A 618 9.81 -4.02 35.52
CA GLU A 618 8.58 -3.29 35.22
C GLU A 618 8.21 -3.34 33.72
N ILE A 619 9.20 -3.12 32.86
CA ILE A 619 8.97 -3.18 31.41
C ILE A 619 8.48 -4.57 30.97
N LEU A 620 9.09 -5.61 31.53
CA LEU A 620 8.64 -6.99 31.33
C LEU A 620 7.19 -7.18 31.81
N GLU A 621 6.87 -6.60 32.96
N GLU A 621 6.85 -6.62 32.95
CA GLU A 621 5.52 -6.65 33.51
CA GLU A 621 5.50 -6.71 33.45
C GLU A 621 4.53 -6.00 32.54
C GLU A 621 4.54 -6.00 32.51
N ALA A 622 4.92 -4.88 31.94
CA ALA A 622 4.05 -4.18 30.98
C ALA A 622 3.80 -4.99 29.72
N TRP A 623 4.84 -5.65 29.22
CA TRP A 623 4.70 -6.52 28.06
C TRP A 623 3.90 -7.80 28.32
N ASN A 624 4.03 -8.36 29.52
CA ASN A 624 3.18 -9.49 29.91
C ASN A 624 1.72 -9.07 29.98
N ILE A 625 1.47 -7.83 30.40
CA ILE A 625 0.12 -7.24 30.32
C ILE A 625 -0.34 -7.15 28.87
N ILE A 626 0.50 -6.63 27.98
CA ILE A 626 0.20 -6.61 26.54
C ILE A 626 -0.09 -8.02 26.02
N LEU A 627 0.74 -8.99 26.37
CA LEU A 627 0.51 -10.39 25.99
C LEU A 627 -0.80 -10.97 26.57
N ASP A 628 -1.20 -10.50 27.75
CA ASP A 628 -2.43 -10.98 28.39
C ASP A 628 -3.69 -10.27 27.90
N THR A 629 -3.51 -9.20 27.13
CA THR A 629 -4.63 -8.39 26.66
C THR A 629 -4.66 -8.31 25.13
N ALA A 630 -3.95 -7.32 24.58
CA ALA A 630 -3.99 -7.01 23.14
C ALA A 630 -3.44 -8.13 22.24
N TYR A 631 -2.44 -8.86 22.76
CA TYR A 631 -1.74 -9.92 22.04
C TYR A 631 -2.14 -11.32 22.52
N LYS A 632 -3.17 -11.37 23.38
CA LYS A 632 -3.69 -12.64 23.87
C LYS A 632 -4.29 -13.47 22.75
N LYS A 633 -4.06 -14.79 22.81
CA LYS A 633 -4.62 -15.73 21.85
C LYS A 633 -6.14 -15.60 21.78
N ARG A 634 -6.67 -15.54 20.57
CA ARG A 634 -8.11 -15.57 20.37
C ARG A 634 -8.50 -16.55 19.26
N ASN A 635 -9.72 -17.06 19.34
CA ASN A 635 -10.17 -18.16 18.49
C ASN A 635 -11.28 -17.79 17.52
N ASP A 636 -11.64 -16.50 17.50
CA ASP A 636 -12.68 -15.99 16.62
C ASP A 636 -12.14 -15.53 15.27
N TYR A 637 -13.04 -15.03 14.42
CA TYR A 637 -12.68 -14.53 13.11
C TYR A 637 -12.77 -13.01 13.13
N TYR A 638 -11.72 -12.37 12.62
CA TYR A 638 -11.56 -10.92 12.67
C TYR A 638 -10.59 -10.51 11.59
N GLN A 639 -10.73 -9.29 11.07
CA GLN A 639 -9.84 -8.76 10.05
C GLN A 639 -9.05 -7.54 10.52
N GLY A 640 -7.84 -7.79 11.00
CA GLY A 640 -6.94 -6.73 11.44
C GLY A 640 -7.21 -6.26 12.85
N ALA A 641 -6.50 -5.20 13.24
CA ALA A 641 -6.62 -4.59 14.56
C ALA A 641 -7.98 -3.95 14.75
N ALA A 642 -8.51 -4.07 15.97
CA ALA A 642 -9.76 -3.42 16.35
C ALA A 642 -9.69 -1.92 16.02
N GLU A 643 -10.72 -1.44 15.33
CA GLU A 643 -10.69 -0.09 14.80
C GLU A 643 -11.05 0.97 15.83
N SER A 644 -10.42 2.13 15.71
CA SER A 644 -10.70 3.29 16.54
C SER A 644 -11.95 4.00 16.04
N ILE A 645 -12.85 4.31 16.98
CA ILE A 645 -14.08 5.09 16.74
C ILE A 645 -13.76 6.49 16.21
N ILE A 646 -12.60 7.03 16.60
CA ILE A 646 -12.12 8.31 16.11
C ILE A 646 -12.12 8.33 14.59
N ASN A 647 -11.70 7.21 13.99
CA ASN A 647 -11.56 7.04 12.56
C ASN A 647 -12.84 6.63 11.81
N ALA A 648 -13.95 6.47 12.53
CA ALA A 648 -15.22 6.08 11.92
C ALA A 648 -16.07 7.28 11.50
N ARG A 649 -16.82 7.12 10.42
CA ARG A 649 -17.85 8.10 10.05
C ARG A 649 -18.81 8.22 11.23
N PRO A 650 -18.98 9.45 11.77
CA PRO A 650 -19.84 9.63 12.95
C PRO A 650 -21.29 9.18 12.72
N GLY A 651 -21.91 8.67 13.78
CA GLY A 651 -23.27 8.15 13.73
C GLY A 651 -23.58 7.42 15.02
N PHE A 652 -24.74 6.78 15.08
CA PHE A 652 -25.16 6.02 16.26
C PHE A 652 -25.02 4.53 16.07
N GLY A 653 -24.57 3.83 17.10
CA GLY A 653 -24.43 2.37 17.03
C GLY A 653 -23.30 1.89 16.15
N ILE A 654 -22.24 2.68 16.06
CA ILE A 654 -21.02 2.32 15.32
C ILE A 654 -20.36 1.09 15.93
N LYS A 655 -20.09 0.11 15.08
CA LYS A 655 -19.39 -1.12 15.47
C LYS A 655 -18.14 -1.38 14.62
N SER A 656 -17.76 -0.40 13.81
CA SER A 656 -16.56 -0.47 12.96
C SER A 656 -16.32 0.87 12.26
N ALA A 657 -15.13 1.03 11.67
CA ALA A 657 -14.83 2.20 10.83
C ALA A 657 -14.92 1.83 9.34
N SER A 658 -14.51 0.61 9.01
CA SER A 658 -14.60 0.09 7.67
C SER A 658 -15.67 -1.01 7.58
N THR A 659 -16.11 -1.30 6.36
CA THR A 659 -17.19 -2.26 6.11
C THR A 659 -16.94 -3.66 6.68
N TRP A 660 -15.73 -4.18 6.52
CA TRP A 660 -15.41 -5.54 6.99
C TRP A 660 -14.57 -5.55 8.28
N GLY A 661 -14.46 -4.39 8.93
CA GLY A 661 -13.67 -4.25 10.15
C GLY A 661 -14.48 -4.41 11.41
N HIS A 662 -13.82 -4.22 12.56
CA HIS A 662 -14.45 -4.35 13.86
C HIS A 662 -13.83 -3.38 14.85
N SER A 663 -14.63 -2.93 15.80
CA SER A 663 -14.19 -2.00 16.83
C SER A 663 -14.23 -2.63 18.22
N LYS A 664 -14.68 -3.88 18.27
CA LYS A 664 -14.84 -4.60 19.53
C LYS A 664 -13.48 -4.94 20.14
N ILE A 665 -13.27 -4.46 21.37
CA ILE A 665 -12.07 -4.75 22.14
C ILE A 665 -12.33 -5.95 23.05
N VAL A 666 -11.65 -7.06 22.77
CA VAL A 666 -11.89 -8.34 23.46
C VAL A 666 -11.14 -8.49 24.79
N TYR A 667 -10.29 -7.53 25.11
CA TYR A 667 -9.55 -7.53 26.36
C TYR A 667 -10.09 -6.47 27.33
N ASP A 668 -9.63 -6.57 28.58
CA ASP A 668 -9.99 -5.61 29.61
C ASP A 668 -9.22 -4.31 29.39
N LYS A 669 -9.93 -3.20 29.25
CA LYS A 669 -9.30 -1.93 28.92
C LYS A 669 -8.45 -1.36 30.04
N SER A 670 -9.00 -1.35 31.26
CA SER A 670 -8.30 -0.84 32.45
C SER A 670 -7.00 -1.60 32.72
N GLU A 671 -7.02 -2.90 32.45
CA GLU A 671 -5.83 -3.74 32.58
C GLU A 671 -4.78 -3.28 31.56
N PHE A 672 -5.21 -3.08 30.32
CA PHE A 672 -4.29 -2.64 29.25
C PHE A 672 -3.63 -1.30 29.58
N GLU A 673 -4.39 -0.41 30.20
CA GLU A 673 -3.88 0.89 30.66
C GLU A 673 -2.72 0.80 31.67
N LYS A 674 -2.65 -0.30 32.44
CA LYS A 674 -1.55 -0.52 33.37
C LYS A 674 -0.21 -0.54 32.65
N ALA A 675 -0.19 -1.12 31.45
CA ALA A 675 1.00 -1.11 30.57
C ALA A 675 1.46 0.31 30.24
N ILE A 676 0.51 1.21 29.98
CA ILE A 676 0.83 2.61 29.73
C ILE A 676 1.39 3.29 31.00
N GLU A 677 0.78 3.00 32.15
CA GLU A 677 1.26 3.51 33.43
C GLU A 677 2.72 3.12 33.70
N ILE A 678 3.07 1.87 33.37
CA ILE A 678 4.42 1.35 33.53
C ILE A 678 5.42 2.00 32.58
N PHE A 679 5.01 2.19 31.32
CA PHE A 679 5.84 2.88 30.32
C PHE A 679 6.11 4.33 30.71
N ALA A 680 5.10 5.02 31.24
CA ALA A 680 5.26 6.41 31.68
C ALA A 680 6.24 6.52 32.84
N LYS A 681 6.16 5.56 33.75
CA LYS A 681 7.02 5.44 34.90
C LYS A 681 8.47 5.21 34.52
N ASN A 682 8.68 4.54 33.41
CA ASN A 682 10.03 4.19 32.96
C ASN A 682 10.50 4.97 31.75
N TYR A 683 9.74 6.01 31.40
CA TYR A 683 10.02 6.86 30.24
C TYR A 683 11.43 7.46 30.24
N ASP A 684 11.77 8.20 31.30
CA ASP A 684 13.03 8.95 31.37
C ASP A 684 14.25 8.02 31.23
N GLU A 685 14.09 6.79 31.69
CA GLU A 685 15.16 5.80 31.63
C GLU A 685 15.26 5.12 30.26
N PHE A 686 14.13 4.94 29.59
CA PHE A 686 14.10 4.23 28.29
C PHE A 686 13.99 5.16 27.06
N LYS A 687 13.88 6.47 27.29
CA LYS A 687 13.66 7.45 26.22
C LYS A 687 14.79 7.59 25.17
N ASP A 688 15.93 6.98 25.43
CA ASP A 688 17.06 7.00 24.50
C ASP A 688 16.92 5.90 23.43
N SER A 689 15.90 5.06 23.61
CA SER A 689 15.57 4.03 22.63
C SER A 689 14.40 4.50 21.79
N ASP A 690 14.64 4.65 20.49
CA ASP A 690 13.62 5.02 19.53
C ASP A 690 12.51 3.98 19.43
N ALA A 691 12.89 2.70 19.46
CA ALA A 691 11.91 1.60 19.43
C ALA A 691 11.02 1.59 20.68
N PHE A 692 11.58 1.99 21.82
CA PHE A 692 10.77 2.21 23.02
C PHE A 692 9.77 3.32 22.78
N LEU A 693 10.24 4.45 22.24
CA LEU A 693 9.35 5.58 21.95
C LEU A 693 8.25 5.15 20.98
N TYR A 694 8.64 4.43 19.93
CA TYR A 694 7.72 3.83 18.96
C TYR A 694 6.62 3.01 19.61
N ASP A 695 7.01 2.10 20.49
CA ASP A 695 6.07 1.21 21.17
C ASP A 695 5.21 1.96 22.18
N PHE A 696 5.81 2.91 22.89
CA PHE A 696 5.07 3.77 23.81
C PHE A 696 3.95 4.50 23.07
N ALA A 697 4.28 5.14 21.95
CA ALA A 697 3.27 5.79 21.08
C ALA A 697 2.19 4.80 20.63
N ASP A 698 2.61 3.60 20.23
CA ASP A 698 1.68 2.53 19.84
C ASP A 698 0.63 2.19 20.90
N ILE A 699 1.09 1.97 22.14
CA ILE A 699 0.17 1.56 23.20
C ILE A 699 -0.63 2.74 23.76
N LEU A 700 -0.03 3.92 23.77
CA LEU A 700 -0.73 5.10 24.25
C LEU A 700 -1.84 5.51 23.29
N LYS A 701 -1.59 5.46 21.99
CA LYS A 701 -2.65 5.77 21.03
C LYS A 701 -3.76 4.73 21.09
N GLN A 702 -3.38 3.49 21.43
CA GLN A 702 -4.34 2.41 21.67
C GLN A 702 -5.20 2.68 22.92
N LEU A 703 -4.56 3.19 23.98
CA LEU A 703 -5.27 3.62 25.19
C LEU A 703 -6.38 4.61 24.86
N LEU A 704 -6.04 5.62 24.06
CA LEU A 704 -6.97 6.70 23.73
C LEU A 704 -8.05 6.28 22.74
N ALA A 705 -7.71 5.38 21.83
CA ALA A 705 -8.69 4.75 20.95
C ALA A 705 -9.74 4.01 21.80
N ASN A 706 -9.25 3.21 22.75
CA ASN A 706 -10.12 2.45 23.66
C ASN A 706 -11.06 3.31 24.52
N SER A 707 -10.54 4.39 25.08
CA SER A 707 -11.34 5.25 25.95
C SER A 707 -12.30 6.17 25.17
N ALA A 708 -11.91 6.52 23.95
CA ALA A 708 -12.79 7.26 23.05
C ALA A 708 -14.06 6.46 22.83
N GLN A 709 -13.92 5.15 22.65
CA GLN A 709 -15.06 4.27 22.41
C GLN A 709 -16.07 4.40 23.55
N GLU A 710 -15.57 4.42 24.78
CA GLU A 710 -16.43 4.50 25.97
C GLU A 710 -17.08 5.87 26.10
N TYR A 711 -16.31 6.92 25.81
CA TYR A 711 -16.81 8.31 25.86
C TYR A 711 -17.87 8.56 24.80
N TYR A 712 -17.73 7.89 23.65
CA TYR A 712 -18.70 7.94 22.58
C TYR A 712 -20.03 7.29 22.99
N GLU A 713 -19.96 6.15 23.68
CA GLU A 713 -21.14 5.47 24.18
C GLU A 713 -21.92 6.33 25.18
N VAL A 714 -21.18 7.10 25.98
CA VAL A 714 -21.78 7.98 27.00
C VAL A 714 -22.47 9.18 26.36
N MET A 715 -21.84 9.80 25.37
CA MET A 715 -22.45 10.96 24.71
C MET A 715 -23.63 10.55 23.81
N CYS A 716 -23.63 9.31 23.35
CA CYS A 716 -24.79 8.78 22.62
C CYS A 716 -25.98 8.63 23.55
N ASN A 717 -25.71 8.22 24.79
CA ASN A 717 -26.73 8.11 25.83
C ASN A 717 -27.27 9.49 26.19
N ALA A 718 -26.38 10.44 26.40
CA ALA A 718 -26.73 11.81 26.77
C ALA A 718 -27.61 12.49 25.72
N TYR A 719 -27.43 12.11 24.45
CA TYR A 719 -28.29 12.60 23.39
C TYR A 719 -29.64 11.91 23.39
N ASN A 720 -29.63 10.57 23.47
CA ASN A 720 -30.87 9.77 23.46
C ASN A 720 -31.78 10.04 24.66
N ASN A 721 -31.18 10.45 25.76
CA ASN A 721 -31.92 10.86 26.96
C ASN A 721 -32.24 12.35 26.97
N GLY A 722 -31.87 13.04 25.89
CA GLY A 722 -32.18 14.47 25.70
C GLY A 722 -31.43 15.43 26.60
N ASN A 723 -30.32 14.97 27.19
CA ASN A 723 -29.50 15.79 28.10
C ASN A 723 -28.47 16.65 27.35
N GLY A 724 -28.86 17.87 27.01
CA GLY A 724 -28.03 18.78 26.22
C GLY A 724 -26.75 19.25 26.89
N GLU A 725 -26.82 19.48 28.21
CA GLU A 725 -25.67 19.92 29.00
C GLU A 725 -24.66 18.79 29.23
N LYS A 726 -25.17 17.58 29.47
CA LYS A 726 -24.31 16.40 29.64
C LYS A 726 -23.64 16.02 28.32
N PHE A 727 -24.39 16.14 27.22
CA PHE A 727 -23.85 15.88 25.89
C PHE A 727 -22.73 16.88 25.57
N LYS A 728 -22.99 18.15 25.86
CA LYS A 728 -21.99 19.20 25.67
C LYS A 728 -20.68 18.89 26.39
N PHE A 729 -20.80 18.38 27.62
CA PHE A 729 -19.64 18.10 28.45
C PHE A 729 -18.85 16.90 27.92
N VAL A 730 -19.52 15.77 27.76
CA VAL A 730 -18.90 14.52 27.32
C VAL A 730 -18.40 14.61 25.87
N SER A 731 -19.15 15.31 25.02
CA SER A 731 -18.72 15.52 23.64
C SER A 731 -17.50 16.45 23.58
N GLY A 732 -17.44 17.40 24.51
CA GLY A 732 -16.29 18.29 24.63
C GLY A 732 -15.05 17.52 25.05
N LYS A 733 -15.21 16.64 26.04
CA LYS A 733 -14.13 15.74 26.50
C LYS A 733 -13.70 14.76 25.41
N PHE A 734 -14.65 14.32 24.59
CA PHE A 734 -14.40 13.44 23.45
C PHE A 734 -13.51 14.15 22.43
N LEU A 735 -13.84 15.40 22.11
CA LEU A 735 -13.06 16.19 21.16
C LEU A 735 -11.67 16.51 21.70
N GLU A 736 -11.58 16.91 22.97
CA GLU A 736 -10.29 17.12 23.65
C GLU A 736 -9.41 15.87 23.67
N LEU A 737 -10.05 14.70 23.73
CA LEU A 737 -9.35 13.42 23.65
C LEU A 737 -8.68 13.25 22.30
N ILE A 738 -9.41 13.56 21.22
CA ILE A 738 -8.87 13.46 19.85
C ILE A 738 -7.68 14.41 19.66
N LYS A 739 -7.75 15.57 20.27
CA LYS A 739 -6.71 16.56 20.22
C LYS A 739 -5.45 16.10 20.95
N LEU A 740 -5.64 15.40 22.04
CA LEU A 740 -4.53 14.75 22.73
C LEU A 740 -3.93 13.64 21.88
N GLN A 741 -4.79 12.85 21.24
CA GLN A 741 -4.36 11.77 20.36
C GLN A 741 -3.49 12.30 19.22
N GLU A 742 -3.86 13.46 18.65
CA GLU A 742 -3.10 14.09 17.57
C GLU A 742 -1.69 14.48 18.03
N ARG A 743 -1.56 14.86 19.29
CA ARG A 743 -0.27 15.18 19.90
C ARG A 743 0.58 13.92 20.07
N VAL A 744 -0.07 12.81 20.45
CA VAL A 744 0.60 11.52 20.60
C VAL A 744 1.14 11.03 19.25
N LEU A 745 0.30 11.10 18.21
CA LEU A 745 0.69 10.64 16.88
C LEU A 745 1.74 11.54 16.21
N SER A 746 1.79 12.79 16.64
CA SER A 746 2.76 13.77 16.12
C SER A 746 4.22 13.41 16.42
N THR A 747 4.42 12.54 17.41
CA THR A 747 5.76 12.20 17.88
C THR A 747 6.51 11.24 16.96
N ARG A 748 5.80 10.49 16.13
CA ARG A 748 6.42 9.48 15.26
C ARG A 748 6.45 9.91 13.81
N PRO A 749 7.62 9.87 13.16
CA PRO A 749 7.73 10.13 11.72
C PRO A 749 6.82 9.21 10.89
N GLU A 750 6.66 7.96 11.33
CA GLU A 750 5.88 6.98 10.57
C GLU A 750 4.36 7.21 10.62
N PHE A 751 3.92 8.08 11.53
CA PHE A 751 2.49 8.41 11.66
C PHE A 751 2.12 9.73 10.99
N LEU A 752 3.07 10.34 10.27
CA LEU A 752 2.78 11.63 9.65
C LEU A 752 2.17 11.49 8.26
N ILE A 753 1.02 12.12 8.05
CA ILE A 753 0.40 12.16 6.71
C ILE A 753 1.34 12.83 5.69
N GLY A 754 2.13 13.79 6.18
CA GLY A 754 3.04 14.59 5.36
C GLY A 754 4.15 13.84 4.66
N ASN A 755 4.59 12.74 5.27
CA ASN A 755 5.60 11.85 4.67
C ASN A 755 5.04 10.99 3.54
N TRP A 756 3.88 10.39 3.78
CA TRP A 756 3.09 9.68 2.78
C TRP A 756 2.82 10.57 1.55
N ILE A 757 2.29 11.75 1.78
CA ILE A 757 1.96 12.69 0.71
C ILE A 757 3.20 13.19 -0.02
N GLU A 758 4.23 13.60 0.72
CA GLU A 758 5.43 14.14 0.08
C GLU A 758 6.14 13.09 -0.75
N ASP A 759 6.17 11.85 -0.26
CA ASP A 759 6.71 10.72 -1.01
C ASP A 759 6.00 10.58 -2.34
N ALA A 760 4.67 10.68 -2.33
CA ALA A 760 3.85 10.61 -3.53
C ALA A 760 4.26 11.67 -4.53
N ARG A 761 4.42 12.90 -4.05
CA ARG A 761 4.74 14.04 -4.90
C ARG A 761 6.18 14.05 -5.40
N THR A 762 7.05 13.25 -4.78
CA THR A 762 8.48 13.32 -5.10
C THR A 762 9.07 11.99 -5.60
N MET A 763 8.22 11.02 -5.80
CA MET A 763 8.64 9.71 -6.15
C MET A 763 9.33 9.52 -7.48
N LEU A 764 9.00 10.33 -8.46
CA LEU A 764 9.67 10.32 -9.74
C LEU A 764 10.48 11.59 -9.81
N LYS A 765 11.52 11.64 -10.59
CA LYS A 765 12.10 12.92 -10.77
C LYS A 765 11.75 13.72 -11.97
N ASP A 766 11.61 15.00 -11.76
CA ASP A 766 11.33 15.88 -12.84
C ASP A 766 9.86 15.82 -13.28
N SER A 767 9.00 15.64 -12.30
CA SER A 767 7.57 15.59 -12.42
C SER A 767 7.03 16.97 -12.64
N ASP A 768 6.09 17.12 -13.55
CA ASP A 768 5.40 18.39 -13.67
C ASP A 768 4.38 18.49 -12.52
N ASP A 769 3.74 19.65 -12.38
CA ASP A 769 2.76 19.87 -11.31
C ASP A 769 1.53 18.98 -11.48
N TRP A 770 1.19 18.68 -12.73
CA TRP A 770 0.08 17.79 -13.04
C TRP A 770 0.28 16.44 -12.38
N THR A 771 1.45 15.84 -12.61
CA THR A 771 1.80 14.53 -12.04
C THR A 771 1.90 14.52 -10.52
N LYS A 772 2.42 15.60 -9.93
CA LYS A 772 2.56 15.69 -8.49
C LYS A 772 1.20 15.75 -7.83
N ASP A 773 0.34 16.61 -8.39
CA ASP A 773 -1.05 16.77 -7.95
C ASP A 773 -1.88 15.50 -8.08
N LEU A 774 -1.74 14.80 -9.20
CA LEU A 774 -2.43 13.54 -9.41
C LEU A 774 -2.00 12.46 -8.42
N PHE A 775 -0.68 12.38 -8.18
CA PHE A 775 -0.13 11.41 -7.23
C PHE A 775 -0.52 11.74 -5.78
N GLU A 776 -0.57 13.02 -5.44
CA GLU A 776 -1.15 13.42 -4.16
C GLU A 776 -2.62 13.00 -4.05
N PHE A 777 -3.39 13.13 -5.13
CA PHE A 777 -4.76 12.60 -5.17
C PHE A 777 -4.81 11.10 -4.80
N ASN A 778 -3.90 10.32 -5.38
CA ASN A 778 -3.77 8.89 -5.08
C ASN A 778 -3.45 8.62 -3.61
N ALA A 779 -2.54 9.42 -3.04
CA ALA A 779 -2.13 9.30 -1.63
C ALA A 779 -3.29 9.61 -0.71
N ARG A 780 -3.96 10.73 -0.96
CA ARG A 780 -5.09 11.16 -0.13
C ARG A 780 -6.30 10.24 -0.26
N ALA A 781 -6.64 9.88 -1.48
CA ALA A 781 -7.79 9.02 -1.73
C ALA A 781 -7.68 7.66 -1.07
N LEU A 782 -6.53 7.01 -1.16
CA LEU A 782 -6.39 5.63 -0.69
C LEU A 782 -6.67 5.44 0.80
N VAL A 783 -6.24 6.39 1.63
CA VAL A 783 -6.38 6.28 3.08
C VAL A 783 -7.69 6.86 3.61
N THR A 784 -8.54 7.35 2.71
CA THR A 784 -9.84 7.90 3.10
C THR A 784 -10.97 7.24 2.31
N THR A 785 -11.51 7.94 1.33
CA THR A 785 -12.62 7.46 0.51
C THR A 785 -12.27 6.26 -0.39
N TRP A 786 -10.98 6.01 -0.57
CA TRP A 786 -10.48 4.91 -1.42
C TRP A 786 -10.71 5.20 -2.91
N GLY A 787 -11.98 5.18 -3.32
CA GLY A 787 -12.37 5.57 -4.68
C GLY A 787 -13.24 6.83 -4.59
N SER A 788 -14.10 7.03 -5.58
CA SER A 788 -15.08 8.12 -5.52
C SER A 788 -16.38 7.61 -4.92
N ARG A 789 -17.49 8.33 -5.09
CA ARG A 789 -18.70 8.06 -4.32
C ARG A 789 -19.17 6.62 -4.39
N ASN A 790 -19.21 6.07 -5.59
CA ASN A 790 -19.77 4.74 -5.82
C ASN A 790 -18.86 3.63 -5.29
N ASN A 791 -17.58 3.98 -5.10
CA ASN A 791 -16.60 3.08 -4.53
C ASN A 791 -16.58 3.14 -3.01
N ALA A 792 -16.66 4.36 -2.47
CA ALA A 792 -16.66 4.59 -1.03
C ALA A 792 -17.98 4.18 -0.38
N ASP A 793 -19.09 4.60 -0.99
CA ASP A 793 -20.42 4.35 -0.40
C ASP A 793 -21.00 3.02 -0.86
N GLY A 794 -21.54 2.98 -2.08
CA GLY A 794 -22.12 1.75 -2.64
C GLY A 794 -21.15 0.58 -2.63
N GLY A 795 -19.88 0.85 -2.95
CA GLY A 795 -18.87 -0.20 -3.04
C GLY A 795 -18.27 -0.66 -1.72
N GLY A 796 -18.53 0.10 -0.65
CA GLY A 796 -18.15 -0.28 0.71
C GLY A 796 -16.72 0.00 1.16
N LEU A 797 -15.94 0.71 0.34
CA LEU A 797 -14.51 0.94 0.60
C LEU A 797 -14.16 2.16 1.49
N LYS A 798 -15.16 2.94 1.90
CA LYS A 798 -14.94 4.12 2.75
C LYS A 798 -14.13 3.80 4.01
N ASP A 799 -13.01 4.51 4.18
CA ASP A 799 -12.15 4.38 5.37
C ASP A 799 -11.62 2.97 5.56
N TYR A 800 -11.61 2.18 4.48
CA TYR A 800 -11.05 0.84 4.54
C TYR A 800 -9.61 0.92 4.99
N SER A 801 -8.87 1.91 4.50
CA SER A 801 -7.46 2.04 4.82
C SER A 801 -7.22 3.12 5.87
N ASN A 802 -8.14 3.26 6.82
CA ASN A 802 -8.03 4.33 7.81
C ASN A 802 -6.77 4.26 8.67
N ARG A 803 -6.13 5.41 8.89
CA ARG A 803 -4.86 5.46 9.60
C ARG A 803 -4.93 6.37 10.82
N GLN A 804 -4.39 5.91 11.94
CA GLN A 804 -4.25 6.74 13.12
C GLN A 804 -3.00 7.62 12.95
N TRP A 805 -3.15 8.60 12.05
CA TRP A 805 -2.05 9.44 11.59
C TRP A 805 -2.21 10.89 11.99
N SER A 806 -1.09 11.55 12.24
CA SER A 806 -1.02 12.98 12.49
C SER A 806 -1.40 13.73 11.22
N GLY A 807 -2.08 14.86 11.37
CA GLY A 807 -2.51 15.68 10.22
C GLY A 807 -3.85 15.22 9.67
N LEU A 808 -3.90 13.95 9.27
CA LEU A 808 -5.15 13.30 8.91
C LEU A 808 -6.15 13.32 10.06
N THR A 809 -5.69 13.10 11.30
CA THR A 809 -6.58 13.12 12.46
C THR A 809 -7.18 14.52 12.74
N GLU A 810 -6.34 15.54 12.75
CA GLU A 810 -6.81 16.87 12.94
C GLU A 810 -7.72 17.37 11.86
N ASP A 811 -7.37 17.16 10.62
CA ASP A 811 -8.06 17.77 9.47
C ASP A 811 -9.19 16.97 8.84
N TYR A 812 -9.32 15.70 9.24
CA TYR A 812 -10.26 14.79 8.60
C TYR A 812 -11.13 14.10 9.66
N TYR A 813 -10.51 13.33 10.55
CA TYR A 813 -11.26 12.60 11.59
C TYR A 813 -11.90 13.51 12.63
N TYR A 814 -11.11 14.42 13.21
CA TYR A 814 -11.62 15.41 14.16
C TYR A 814 -12.76 16.20 13.52
N ALA A 815 -12.53 16.68 12.30
CA ALA A 815 -13.49 17.52 11.56
C ALA A 815 -14.86 16.85 11.37
N ARG A 816 -14.85 15.55 11.05
CA ARG A 816 -16.10 14.81 10.92
C ARG A 816 -16.84 14.79 12.25
N TRP A 817 -16.13 14.38 13.31
CA TRP A 817 -16.71 14.27 14.65
C TRP A 817 -17.21 15.61 15.20
N GLU A 818 -16.45 16.68 14.97
CA GLU A 818 -16.82 18.03 15.38
C GLU A 818 -18.15 18.47 14.76
N LYS A 819 -18.30 18.22 13.45
CA LYS A 819 -19.49 18.59 12.69
C LYS A 819 -20.75 17.87 13.17
N TRP A 820 -20.64 16.56 13.38
CA TRP A 820 -21.73 15.73 13.87
C TRP A 820 -22.17 16.15 15.27
N ILE A 821 -21.17 16.40 16.11
CA ILE A 821 -21.39 16.83 17.50
C ILE A 821 -22.14 18.17 17.55
N ASN A 822 -21.73 19.10 16.68
CA ASN A 822 -22.38 20.42 16.62
C ASN A 822 -23.84 20.39 16.17
N GLY A 823 -24.15 19.50 15.22
CA GLY A 823 -25.50 19.32 14.72
C GLY A 823 -26.42 18.70 15.76
N LEU A 824 -25.86 17.79 16.54
CA LEU A 824 -26.58 17.17 17.64
C LEU A 824 -26.80 18.15 18.80
N GLN A 825 -25.81 19.01 19.01
CA GLN A 825 -25.90 20.05 20.04
C GLN A 825 -26.99 21.04 19.68
N ALA A 826 -26.95 21.54 18.44
CA ALA A 826 -27.95 22.47 17.93
C ALA A 826 -29.38 21.97 18.12
N GLU A 827 -29.61 20.68 17.87
CA GLU A 827 -30.93 20.04 18.07
C GLU A 827 -31.31 19.97 19.55
N LEU A 828 -30.39 19.48 20.38
CA LEU A 828 -30.58 19.41 21.83
C LEU A 828 -30.87 20.77 22.47
N ASP A 829 -30.30 21.83 21.89
CA ASP A 829 -30.47 23.19 22.41
C ASP A 829 -31.75 23.88 21.90
N GLY A 830 -32.70 23.10 21.40
CA GLY A 830 -33.94 23.63 20.85
C GLY A 830 -33.77 24.26 19.48
N GLY A 831 -33.05 23.57 18.60
CA GLY A 831 -32.86 24.02 17.23
C GLY A 831 -33.53 23.02 16.30
N ALA A 832 -33.35 23.21 14.99
CA ALA A 832 -33.90 22.29 14.00
C ALA A 832 -33.23 20.93 14.15
N LYS A 833 -33.95 19.87 13.76
CA LYS A 833 -33.41 18.51 13.82
C LYS A 833 -32.07 18.44 13.07
N ALA A 834 -31.16 17.60 13.59
CA ALA A 834 -29.85 17.42 12.97
C ALA A 834 -30.00 16.97 11.53
N PRO A 835 -29.37 17.69 10.61
CA PRO A 835 -29.39 17.32 9.19
C PRO A 835 -28.60 16.04 8.93
N ASN A 836 -29.01 15.28 7.91
CA ASN A 836 -28.14 14.30 7.29
C ASN A 836 -26.87 14.93 6.72
N ILE A 837 -25.73 14.33 7.01
CA ILE A 837 -24.45 14.79 6.48
C ILE A 837 -23.95 13.90 5.35
N ASP A 838 -23.79 14.49 4.17
CA ASP A 838 -23.22 13.78 3.03
C ASP A 838 -21.74 13.65 3.34
N TRP A 839 -21.39 12.54 4.00
CA TRP A 839 -20.02 12.33 4.47
C TRP A 839 -19.02 12.32 3.33
N PHE A 840 -19.34 11.60 2.26
CA PHE A 840 -18.43 11.51 1.13
C PHE A 840 -18.05 12.88 0.57
N LYS A 841 -19.00 13.80 0.50
CA LYS A 841 -18.77 15.15 -0.03
C LYS A 841 -17.67 15.86 0.78
N MET A 842 -17.80 15.82 2.10
CA MET A 842 -16.85 16.43 3.02
C MET A 842 -15.46 15.76 2.92
N GLU A 843 -15.46 14.44 2.82
CA GLU A 843 -14.22 13.66 2.74
C GLU A 843 -13.46 13.90 1.43
N TYR A 844 -14.20 13.92 0.33
CA TYR A 844 -13.60 14.10 -1.00
C TYR A 844 -13.11 15.54 -1.18
N ASP A 845 -13.64 16.46 -0.37
CA ASP A 845 -13.15 17.83 -0.30
C ASP A 845 -11.70 17.83 0.17
N TRP A 846 -11.40 16.98 1.15
CA TRP A 846 -10.06 16.90 1.71
C TRP A 846 -9.12 16.18 0.74
N VAL A 847 -9.62 15.09 0.15
CA VAL A 847 -8.90 14.27 -0.84
C VAL A 847 -8.32 15.11 -2.00
N ASN A 848 -9.05 16.16 -2.38
CA ASN A 848 -8.69 16.95 -3.57
C ASN A 848 -7.82 18.18 -3.31
N LYS A 849 -7.47 18.41 -2.05
CA LYS A 849 -6.61 19.53 -1.70
C LYS A 849 -5.16 19.27 -2.11
N LYS A 850 -4.40 20.32 -2.40
CA LYS A 850 -3.03 20.19 -2.90
C LYS A 850 -2.02 20.82 -1.94
N SER A 851 -0.91 20.12 -1.72
CA SER A 851 0.11 20.55 -0.77
C SER A 851 0.70 21.93 -1.07
N ASP A 852 0.71 22.30 -2.35
CA ASP A 852 1.34 23.55 -2.79
C ASP A 852 0.41 24.76 -2.81
N THR A 853 -0.90 24.52 -2.69
CA THR A 853 -1.88 25.62 -2.73
C THR A 853 -2.75 25.69 -1.48
N ASP A 854 -2.95 24.55 -0.83
CA ASP A 854 -3.80 24.51 0.37
C ASP A 854 -3.01 24.54 1.68
N LYS A 855 -2.47 23.39 2.07
CA LYS A 855 -1.75 23.25 3.32
C LYS A 855 -0.73 22.16 3.11
N LEU A 856 0.54 22.48 3.41
CA LEU A 856 1.60 21.49 3.38
C LEU A 856 1.73 20.87 4.76
N TYR A 857 1.57 19.55 4.82
CA TYR A 857 1.72 18.81 6.07
C TYR A 857 3.20 18.55 6.37
N PRO A 858 3.57 18.62 7.66
CA PRO A 858 4.99 18.51 8.01
C PRO A 858 5.57 17.10 7.78
N THR A 859 6.88 17.04 7.56
CA THR A 859 7.59 15.78 7.40
C THR A 859 8.47 15.51 8.62
N GLU A 860 8.26 16.30 9.66
CA GLU A 860 9.09 16.31 10.84
C GLU A 860 8.24 16.04 12.07
N ALA A 861 8.60 15.02 12.85
CA ALA A 861 7.90 14.69 14.10
C ALA A 861 8.08 15.78 15.16
N SER A 862 7.20 15.80 16.16
CA SER A 862 7.27 16.78 17.24
C SER A 862 8.14 16.28 18.41
N ASN A 863 8.39 17.17 19.38
CA ASN A 863 9.22 16.86 20.54
C ASN A 863 8.40 16.55 21.79
N GLU A 864 7.13 16.22 21.61
CA GLU A 864 6.22 15.99 22.73
C GLU A 864 6.70 14.82 23.56
N ASN A 865 6.49 14.96 24.87
CA ASN A 865 6.92 13.98 25.86
C ASN A 865 5.82 12.95 26.02
N LEU A 866 6.05 11.74 25.50
CA LEU A 866 5.07 10.65 25.62
C LEU A 866 4.74 10.33 27.08
N GLY A 867 5.76 10.34 27.94
CA GLY A 867 5.57 10.14 29.38
C GLY A 867 4.55 11.10 29.97
N GLU A 868 4.69 12.39 29.63
CA GLU A 868 3.74 13.43 30.06
C GLU A 868 2.37 13.29 29.41
N LEU A 869 2.37 12.96 28.12
CA LEU A 869 1.12 12.72 27.38
C LEU A 869 0.34 11.57 27.97
N ALA A 870 1.07 10.55 28.44
CA ALA A 870 0.47 9.39 29.13
C ALA A 870 -0.15 9.75 30.48
N LYS A 871 0.52 10.61 31.24
CA LYS A 871 0.00 11.07 32.54
C LYS A 871 -1.32 11.83 32.36
N ILE A 872 -1.36 12.71 31.36
CA ILE A 872 -2.59 13.45 31.01
C ILE A 872 -3.70 12.50 30.52
N ALA A 873 -3.32 11.50 29.71
CA ALA A 873 -4.27 10.47 29.28
C ALA A 873 -4.86 9.72 30.48
N MET A 874 -4.01 9.30 31.42
CA MET A 874 -4.44 8.56 32.61
C MET A 874 -5.30 9.41 33.55
N GLU A 875 -4.96 10.68 33.68
CA GLU A 875 -5.67 11.59 34.58
C GLU A 875 -7.03 12.01 34.01
N SER A 876 -7.06 12.37 32.73
CA SER A 876 -8.18 13.13 32.18
C SER A 876 -8.98 12.44 31.06
N TYR A 877 -8.44 11.38 30.46
CA TYR A 877 -9.10 10.73 29.32
C TYR A 877 -9.03 9.21 29.34
N SER A 878 -8.98 8.63 30.53
CA SER A 878 -8.82 7.18 30.67
C SER A 878 -10.13 6.45 30.96
N VAL A 879 -10.08 5.12 30.90
CA VAL A 879 -11.16 4.24 31.34
C VAL A 879 -11.08 4.04 32.86
N THR A 880 -9.86 3.91 33.38
CA THR A 880 -9.61 3.70 34.82
C THR A 880 -10.25 4.80 35.68
N ASN A 881 -10.01 6.06 35.30
CA ASN A 881 -10.50 7.20 36.07
C ASN A 881 -11.74 7.85 35.44
N MET A 882 -12.47 7.06 34.66
CA MET A 882 -13.62 7.55 33.88
C MET A 882 -14.75 8.10 34.74
N ASP A 883 -15.01 7.46 35.87
CA ASP A 883 -16.07 7.90 36.80
C ASP A 883 -15.77 9.25 37.46
N LYS A 884 -14.50 9.49 37.77
CA LYS A 884 -14.08 10.81 38.28
C LYS A 884 -14.06 11.88 37.17
N ILE A 885 -13.66 11.47 35.97
CA ILE A 885 -13.61 12.36 34.81
C ILE A 885 -15.01 12.80 34.40
N LEU A 886 -15.95 11.84 34.42
CA LEU A 886 -17.33 12.00 33.93
C LEU A 886 -17.38 12.09 32.39
N GLY A 887 -17.72 13.13 31.83
#